data_3HY1
#
_entry.id   3HY1
#
_cell.length_a   76.308
_cell.length_b   117.092
_cell.length_c   150.550
_cell.angle_alpha   90.000
_cell.angle_beta   90.000
_cell.angle_gamma   90.000
#
_symmetry.space_group_name_H-M   'P 21 21 21'
#
loop_
_entity.id
_entity.type
_entity.pdbx_description
1 polymer 'Alanyl-tRNA synthetase'
2 non-polymer "5'-O-(N-(L-SERYL)-SULFAMOYL)ADENOSINE"
3 non-polymer '2-HYDROXYETHYL DISULFIDE'
4 non-polymer 'SULFATE ION'
5 non-polymer 'MAGNESIUM ION'
6 non-polymer '2-(N-MORPHOLINO)-ETHANESULFONIC ACID'
7 water water
#
_entity_poly.entity_id   1
_entity_poly.type   'polypeptide(L)'
_entity_poly.pdbx_seq_one_letter_code
;SKSTAEIRQAFLDFFHSKGHQVVASSSLVPHNDPTLLFTNAGMNQFKDVFLGLDKRNYSRATTSQRCVRAGGKHNDLENV
GYTARHHTFFEMLGNFSFGDYFKLDAILFAWLLLTSEKWFALPKERLWVTVYESDDEAYEIWEKEVGIPRERIIRIGDNK
GAPYASDNFWQMGDTGPCGPCTEIFYDHGDHIWGGPPGSPEEDGDRYIEIWNIVFMQFNRQADGTMEPLPKPSVDTAMGL
ERIAAVLQHVNSNYDIDLFRTLIQAVAKVTGATDLSNKSLRVIADHIRSCAFLIADGVMPSNENRGYVLRRIIRRAVRHG
NMLGAKETFFYKLVGPLIDVMGSAGEDLKRQQAQVEQVLKTEEEQFARTLERGLALLDEELAKLSGDTLDGETAFRLYDT
YGFPVDLTADVCRERNIKVDEAGFEAAMEEQRRRAREASGF
;
_entity_poly.pdbx_strand_id   A,B
#
loop_
_chem_comp.id
_chem_comp.type
_chem_comp.name
_chem_comp.formula
HED non-polymer '2-HYDROXYETHYL DISULFIDE' 'C4 H10 O2 S2'
MES non-polymer '2-(N-MORPHOLINO)-ETHANESULFONIC ACID' 'C6 H13 N O4 S'
MG non-polymer 'MAGNESIUM ION' 'Mg 2'
SO4 non-polymer 'SULFATE ION' 'O4 S -2'
SSA non-polymer 5'-O-(N-(L-SERYL)-SULFAMOYL)ADENOSINE 'C13 H19 N7 O8 S'
#
# COMPACT_ATOMS: atom_id res chain seq x y z
N SER A 1 8.87 -6.52 -0.82
CA SER A 1 8.25 -6.81 0.51
C SER A 1 6.79 -6.36 0.54
N LYS A 2 6.07 -6.76 1.57
CA LYS A 2 4.71 -6.29 1.77
C LYS A 2 4.72 -4.85 2.27
N SER A 3 3.97 -3.98 1.60
CA SER A 3 3.91 -2.57 1.99
C SER A 3 2.92 -2.37 3.13
N THR A 4 3.11 -1.29 3.88
CA THR A 4 2.24 -0.96 5.00
C THR A 4 0.76 -1.10 4.64
N ALA A 5 0.36 -0.49 3.54
CA ALA A 5 -1.04 -0.54 3.09
C ALA A 5 -1.49 -1.96 2.75
N GLU A 6 -0.56 -2.75 2.19
CA GLU A 6 -0.85 -4.16 1.87
C GLU A 6 -1.03 -4.98 3.14
N ILE A 7 -0.23 -4.68 4.15
CA ILE A 7 -0.28 -5.39 5.42
C ILE A 7 -1.60 -5.12 6.16
N ARG A 8 -2.04 -3.86 6.16
CA ARG A 8 -3.31 -3.49 6.79
C ARG A 8 -4.46 -4.21 6.11
N GLN A 9 -4.40 -4.30 4.78
CA GLN A 9 -5.42 -4.98 4.00
C GLN A 9 -5.45 -6.47 4.35
N ALA A 10 -4.28 -7.11 4.25
CA ALA A 10 -4.16 -8.54 4.53
C ALA A 10 -4.71 -8.88 5.90
N PHE A 11 -4.34 -8.09 6.90
CA PHE A 11 -4.78 -8.33 8.26
C PHE A 11 -6.28 -8.26 8.39
N LEU A 12 -6.89 -7.22 7.83
CA LEU A 12 -8.33 -7.08 7.94
C LEU A 12 -9.05 -8.19 7.18
N ASP A 13 -8.50 -8.56 6.04
CA ASP A 13 -9.07 -9.62 5.22
C ASP A 13 -9.00 -10.95 5.92
N PHE A 14 -7.84 -11.24 6.49
CA PHE A 14 -7.61 -12.51 7.11
C PHE A 14 -8.63 -12.75 8.21
N PHE A 15 -8.84 -11.73 9.04
CA PHE A 15 -9.79 -11.85 10.13
C PHE A 15 -11.23 -11.83 9.66
N HIS A 16 -11.46 -11.22 8.50
CA HIS A 16 -12.79 -11.25 7.91
C HIS A 16 -13.18 -12.67 7.49
N SER A 17 -12.24 -13.40 6.89
CA SER A 17 -12.49 -14.77 6.48
C SER A 17 -12.73 -15.65 7.70
N LYS A 18 -12.12 -15.26 8.82
CA LYS A 18 -12.31 -15.99 10.07
C LYS A 18 -13.58 -15.51 10.78
N GLY A 19 -14.46 -14.85 10.03
CA GLY A 19 -15.76 -14.46 10.54
C GLY A 19 -15.80 -13.18 11.36
N HIS A 20 -14.75 -12.38 11.27
CA HIS A 20 -14.72 -11.12 12.01
C HIS A 20 -15.35 -9.98 11.22
N GLN A 21 -16.25 -9.25 11.88
CA GLN A 21 -16.87 -8.08 11.29
C GLN A 21 -15.89 -6.93 11.25
N VAL A 22 -15.62 -6.41 10.05
CA VAL A 22 -14.73 -5.26 9.91
C VAL A 22 -15.44 -3.99 10.33
N VAL A 23 -14.95 -3.35 11.38
CA VAL A 23 -15.51 -2.10 11.86
C VAL A 23 -14.55 -0.95 11.57
N ALA A 24 -15.10 0.20 11.22
CA ALA A 24 -14.29 1.38 10.96
C ALA A 24 -13.59 1.84 12.24
N SER A 25 -12.35 2.30 12.09
CA SER A 25 -11.64 2.90 13.20
C SER A 25 -12.43 4.10 13.72
N SER A 26 -12.48 4.24 15.04
CA SER A 26 -13.14 5.39 15.64
C SER A 26 -12.21 6.60 15.55
N SER A 27 -12.71 7.77 15.93
CA SER A 27 -11.88 8.97 15.92
C SER A 27 -10.98 8.99 17.15
N LEU A 28 -9.95 9.82 17.11
CA LEU A 28 -9.02 9.95 18.23
C LEU A 28 -9.67 10.60 19.44
N VAL A 29 -10.78 11.30 19.20
CA VAL A 29 -11.53 11.89 20.29
C VAL A 29 -12.51 10.85 20.77
N PRO A 30 -12.41 10.46 22.05
CA PRO A 30 -13.27 9.41 22.52
C PRO A 30 -14.55 9.95 23.13
N HIS A 31 -15.68 9.63 22.52
CA HIS A 31 -16.97 10.04 23.06
C HIS A 31 -17.59 8.93 23.92
N ASN A 32 -16.93 7.77 23.94
CA ASN A 32 -17.33 6.68 24.85
C ASN A 32 -16.91 6.91 26.31
N ASP A 33 -15.68 7.41 26.53
CA ASP A 33 -15.40 8.12 27.80
C ASP A 33 -14.93 9.54 27.56
N PRO A 34 -15.47 10.45 28.39
CA PRO A 34 -15.02 11.83 28.68
C PRO A 34 -13.77 11.74 29.55
N THR A 35 -13.63 10.61 30.22
CA THR A 35 -12.57 10.32 31.16
C THR A 35 -11.24 10.28 30.45
N LEU A 36 -11.29 10.02 29.15
CA LEU A 36 -10.14 9.59 28.39
C LEU A 36 -9.67 10.71 27.48
N LEU A 37 -8.36 10.92 27.44
CA LEU A 37 -7.79 11.99 26.61
C LEU A 37 -7.90 11.74 25.11
N PHE A 38 -7.38 10.59 24.67
CA PHE A 38 -7.42 10.25 23.24
C PHE A 38 -7.62 8.76 23.10
N THR A 39 -8.11 8.33 21.95
CA THR A 39 -8.17 6.90 21.68
C THR A 39 -6.75 6.34 21.78
N ASN A 40 -6.56 5.36 22.67
CA ASN A 40 -5.22 4.85 22.90
C ASN A 40 -5.13 3.37 22.59
N ALA A 41 -6.27 2.78 22.27
CA ALA A 41 -6.33 1.36 21.95
C ALA A 41 -7.53 1.05 21.08
N GLY A 42 -7.41 0.00 20.27
CA GLY A 42 -8.49 -0.41 19.38
C GLY A 42 -9.75 -0.84 20.10
N MET A 43 -9.60 -1.28 21.35
CA MET A 43 -10.73 -1.78 22.13
C MET A 43 -11.61 -0.68 22.70
N ASN A 44 -11.11 0.56 22.67
CA ASN A 44 -11.81 1.69 23.27
C ASN A 44 -13.26 1.81 22.86
N GLN A 45 -13.53 1.73 21.56
CA GLN A 45 -14.89 1.84 21.06
C GLN A 45 -15.74 0.63 21.41
N PHE A 46 -15.10 -0.43 21.88
CA PHE A 46 -15.80 -1.66 22.25
C PHE A 46 -15.82 -1.86 23.76
N LYS A 47 -15.35 -0.86 24.51
CA LYS A 47 -15.25 -0.96 25.96
C LYS A 47 -16.50 -1.55 26.59
N ASP A 48 -17.65 -0.96 26.28
CA ASP A 48 -18.91 -1.34 26.90
C ASP A 48 -19.47 -2.66 26.36
N VAL A 49 -18.92 -3.12 25.25
CA VAL A 49 -19.32 -4.42 24.69
C VAL A 49 -18.77 -5.53 25.58
N PHE A 50 -17.50 -5.40 25.96
CA PHE A 50 -16.88 -6.38 26.86
C PHE A 50 -17.59 -6.42 28.20
N LEU A 51 -18.08 -5.26 28.63
CA LEU A 51 -18.82 -5.17 29.88
C LEU A 51 -20.20 -5.81 29.76
N GLY A 52 -20.72 -5.83 28.54
CA GLY A 52 -22.10 -6.30 28.32
C GLY A 52 -23.10 -5.15 28.34
N LEU A 53 -22.60 -3.93 28.50
CA LEU A 53 -23.46 -2.76 28.50
C LEU A 53 -23.92 -2.37 27.11
N ASP A 54 -23.07 -2.62 26.12
CA ASP A 54 -23.34 -2.19 24.76
C ASP A 54 -23.37 -3.44 23.88
N LYS A 55 -24.40 -3.52 23.04
CA LYS A 55 -24.71 -4.78 22.39
C LYS A 55 -24.62 -4.68 20.88
N ARG A 56 -23.94 -5.66 20.27
CA ARG A 56 -23.72 -5.62 18.84
C ARG A 56 -24.28 -6.86 18.17
N ASN A 57 -24.40 -6.78 16.86
CA ASN A 57 -24.92 -7.87 16.05
C ASN A 57 -23.83 -8.82 15.59
N TYR A 58 -22.61 -8.53 16.00
CA TYR A 58 -21.48 -9.41 15.73
C TYR A 58 -20.82 -9.79 17.04
N SER A 59 -20.28 -11.00 17.09
CA SER A 59 -19.62 -11.49 18.29
C SER A 59 -18.12 -11.41 18.15
N ARG A 60 -17.65 -11.11 16.94
CA ARG A 60 -16.25 -10.78 16.75
C ARG A 60 -16.06 -9.70 15.71
N ALA A 61 -15.06 -8.85 15.94
CA ALA A 61 -14.78 -7.73 15.07
C ALA A 61 -13.27 -7.59 14.85
N THR A 62 -12.92 -6.79 13.85
CA THR A 62 -11.51 -6.51 13.56
C THR A 62 -11.38 -5.09 13.02
N THR A 63 -10.40 -4.36 13.52
CA THR A 63 -10.22 -2.96 13.13
C THR A 63 -8.76 -2.60 12.95
N SER A 64 -8.53 -1.50 12.26
CA SER A 64 -7.21 -0.88 12.21
C SER A 64 -7.36 0.50 12.83
N GLN A 65 -7.23 0.56 14.16
CA GLN A 65 -7.53 1.76 14.90
C GLN A 65 -6.34 2.72 14.93
N ARG A 66 -6.62 4.01 14.68
CA ARG A 66 -5.61 5.02 14.89
C ARG A 66 -5.58 5.39 16.36
N CYS A 67 -4.38 5.46 16.92
CA CYS A 67 -4.22 5.71 18.35
C CYS A 67 -3.20 6.80 18.59
N VAL A 68 -3.47 7.61 19.63
CA VAL A 68 -2.46 8.53 20.12
C VAL A 68 -2.20 8.24 21.58
N ARG A 69 -0.97 7.81 21.88
CA ARG A 69 -0.56 7.70 23.27
C ARG A 69 0.35 8.86 23.60
N ALA A 70 -0.26 9.98 23.96
CA ALA A 70 0.50 11.13 24.38
C ALA A 70 0.03 11.59 25.74
N GLY A 71 -0.76 10.79 26.42
CA GLY A 71 -1.34 11.28 27.66
C GLY A 71 -1.94 10.25 28.59
N GLY A 72 -2.14 10.68 29.84
CA GLY A 72 -2.81 9.87 30.85
C GLY A 72 -2.05 8.59 31.16
N LYS A 73 -2.79 7.49 31.24
CA LYS A 73 -2.19 6.19 31.54
C LYS A 73 -1.35 5.62 30.39
N HIS A 74 -1.62 6.08 29.16
CA HIS A 74 -0.78 5.65 28.06
C HIS A 74 -0.08 6.84 27.43
N ASN A 75 1.13 7.11 27.90
CA ASN A 75 1.90 8.27 27.44
C ASN A 75 3.27 7.85 26.93
N ASP A 76 3.43 7.83 25.61
CA ASP A 76 4.70 7.44 25.01
C ASP A 76 5.41 8.62 24.35
N LEU A 77 4.93 9.83 24.64
CA LEU A 77 5.47 11.04 24.05
C LEU A 77 6.98 11.16 24.22
N GLU A 78 7.46 10.95 25.45
CA GLU A 78 8.88 11.13 25.76
C GLU A 78 9.77 10.04 25.15
N ASN A 79 9.16 8.95 24.71
CA ASN A 79 9.90 7.88 24.05
C ASN A 79 10.19 8.18 22.59
N VAL A 80 9.39 9.05 22.00
CA VAL A 80 9.50 9.37 20.58
C VAL A 80 10.86 9.99 20.23
N GLY A 81 11.61 9.32 19.35
CA GLY A 81 12.91 9.80 18.91
C GLY A 81 14.07 9.06 19.56
N TYR A 82 13.79 8.35 20.65
CA TYR A 82 14.83 7.65 21.39
C TYR A 82 14.78 6.14 21.21
N THR A 83 13.63 5.63 20.78
CA THR A 83 13.50 4.22 20.43
C THR A 83 13.08 4.13 18.97
N ALA A 84 13.14 2.94 18.41
CA ALA A 84 12.78 2.73 17.01
C ALA A 84 11.41 2.06 16.89
N ARG A 85 10.64 2.07 17.97
CA ARG A 85 9.39 1.34 18.01
C ARG A 85 8.24 2.15 18.63
N HIS A 86 8.53 3.38 19.03
CA HIS A 86 7.52 4.20 19.70
C HIS A 86 7.02 5.37 18.86
N HIS A 87 5.71 5.57 18.87
CA HIS A 87 5.10 6.71 18.22
C HIS A 87 4.13 7.40 19.17
N THR A 88 3.70 8.60 18.81
CA THR A 88 2.53 9.20 19.43
C THR A 88 1.32 8.70 18.66
N PHE A 89 1.38 8.84 17.33
CA PHE A 89 0.34 8.32 16.45
C PHE A 89 0.77 7.02 15.79
N PHE A 90 -0.02 5.97 15.97
CA PHE A 90 0.25 4.67 15.37
C PHE A 90 -1.05 3.89 15.20
N GLU A 91 -1.00 2.84 14.39
CA GLU A 91 -2.20 2.04 14.13
C GLU A 91 -2.12 0.67 14.80
N MET A 92 -3.22 0.28 15.43
CA MET A 92 -3.32 -1.04 16.05
C MET A 92 -4.14 -2.00 15.17
N LEU A 93 -3.47 -3.02 14.64
CA LEU A 93 -4.17 -4.11 13.95
C LEU A 93 -4.69 -5.07 15.00
N GLY A 94 -6.01 -5.09 15.19
CA GLY A 94 -6.57 -5.88 16.28
C GLY A 94 -7.80 -6.71 15.93
N ASN A 95 -7.91 -7.86 16.59
CA ASN A 95 -9.10 -8.68 16.51
C ASN A 95 -9.74 -8.79 17.89
N PHE A 96 -11.06 -8.84 17.92
CA PHE A 96 -11.79 -8.79 19.18
C PHE A 96 -12.82 -9.89 19.22
N SER A 97 -12.95 -10.53 20.38
CA SER A 97 -13.98 -11.53 20.55
C SER A 97 -14.87 -11.09 21.71
N PHE A 98 -16.15 -10.91 21.44
CA PHE A 98 -17.06 -10.56 22.53
C PHE A 98 -17.90 -11.74 22.93
N GLY A 99 -17.43 -12.49 23.91
CA GLY A 99 -18.19 -13.61 24.43
C GLY A 99 -18.10 -14.82 23.51
N ASP A 100 -17.21 -14.73 22.53
CA ASP A 100 -17.00 -15.79 21.57
C ASP A 100 -15.75 -16.60 21.89
N TYR A 101 -14.85 -16.71 20.92
CA TYR A 101 -13.67 -17.52 21.10
C TYR A 101 -12.77 -16.94 22.17
N PHE A 102 -12.07 -17.83 22.87
CA PHE A 102 -11.15 -17.41 23.90
C PHE A 102 -9.71 -17.74 23.52
N LYS A 103 -8.95 -18.25 24.48
CA LYS A 103 -7.50 -18.36 24.33
C LYS A 103 -7.01 -19.24 23.19
N LEU A 104 -7.60 -20.41 23.02
CA LEU A 104 -7.05 -21.36 22.07
C LEU A 104 -7.09 -20.80 20.65
N ASP A 105 -8.25 -20.30 20.23
CA ASP A 105 -8.38 -19.76 18.89
C ASP A 105 -7.68 -18.42 18.72
N ALA A 106 -7.67 -17.62 19.79
CA ALA A 106 -6.99 -16.32 19.77
C ALA A 106 -5.51 -16.50 19.45
N ILE A 107 -4.87 -17.42 20.14
CA ILE A 107 -3.45 -17.70 19.93
C ILE A 107 -3.22 -18.36 18.57
N LEU A 108 -4.15 -19.22 18.17
CA LEU A 108 -4.05 -19.90 16.87
C LEU A 108 -4.13 -18.93 15.69
N PHE A 109 -5.08 -18.00 15.75
CA PHE A 109 -5.20 -16.97 14.71
C PHE A 109 -3.93 -16.16 14.57
N ALA A 110 -3.35 -15.75 15.70
CA ALA A 110 -2.15 -14.93 15.69
C ALA A 110 -0.97 -15.67 15.07
N TRP A 111 -0.76 -16.90 15.50
CA TRP A 111 0.31 -17.70 14.97
C TRP A 111 0.09 -17.92 13.48
N LEU A 112 -1.13 -18.25 13.12
CA LEU A 112 -1.42 -18.53 11.72
C LEU A 112 -1.06 -17.34 10.83
N LEU A 113 -1.50 -16.15 11.21
CA LEU A 113 -1.23 -14.97 10.40
C LEU A 113 0.26 -14.65 10.31
N LEU A 114 0.97 -14.82 11.43
CA LEU A 114 2.40 -14.46 11.44
C LEU A 114 3.29 -15.46 10.72
N THR A 115 2.98 -16.75 10.84
CA THR A 115 3.90 -17.80 10.42
C THR A 115 3.54 -18.48 9.10
N SER A 116 2.27 -18.38 8.71
CA SER A 116 1.80 -19.14 7.57
C SER A 116 2.53 -18.70 6.33
N GLU A 117 2.97 -19.66 5.54
CA GLU A 117 3.61 -19.36 4.28
C GLU A 117 2.63 -18.64 3.36
N LYS A 118 1.34 -18.99 3.50
CA LYS A 118 0.29 -18.34 2.70
C LYS A 118 -0.03 -16.91 3.14
N TRP A 119 0.10 -16.64 4.45
CA TRP A 119 -0.06 -15.23 4.87
C TRP A 119 1.25 -14.49 4.84
N PHE A 120 1.64 -13.91 5.96
CA PHE A 120 2.89 -13.21 5.88
C PHE A 120 3.87 -13.65 6.93
N ALA A 121 4.99 -14.17 6.42
CA ALA A 121 5.48 -15.44 6.94
C ALA A 121 6.80 -15.34 7.66
N LEU A 122 6.75 -14.95 8.92
CA LEU A 122 7.96 -14.68 9.67
C LEU A 122 8.67 -15.98 9.97
N PRO A 123 10.00 -15.91 10.12
CA PRO A 123 10.75 -17.07 10.60
C PRO A 123 10.27 -17.48 11.98
N LYS A 124 10.01 -18.77 12.16
CA LYS A 124 9.55 -19.28 13.45
C LYS A 124 10.65 -19.17 14.51
N GLU A 125 11.91 -19.34 14.09
CA GLU A 125 13.02 -19.31 15.04
C GLU A 125 13.15 -17.95 15.70
N ARG A 126 12.74 -16.91 14.95
CA ARG A 126 12.85 -15.53 15.44
C ARG A 126 11.83 -15.16 16.51
N LEU A 127 10.66 -15.79 16.46
CA LEU A 127 9.57 -15.40 17.36
C LEU A 127 9.75 -15.87 18.80
N TRP A 128 9.39 -15.01 19.74
CA TRP A 128 9.40 -15.35 21.15
C TRP A 128 8.05 -14.96 21.69
N VAL A 129 7.61 -15.60 22.77
CA VAL A 129 6.33 -15.27 23.37
C VAL A 129 6.43 -15.12 24.88
N THR A 130 5.54 -14.31 25.45
CA THR A 130 5.46 -14.15 26.89
C THR A 130 4.06 -14.49 27.38
N VAL A 131 3.97 -15.07 28.57
CA VAL A 131 2.69 -15.37 29.19
C VAL A 131 2.72 -14.92 30.65
N TYR A 132 1.55 -14.60 31.20
CA TYR A 132 1.46 -14.28 32.60
C TYR A 132 1.80 -15.52 33.41
N GLU A 133 2.55 -15.34 34.50
CA GLU A 133 3.04 -16.46 35.30
C GLU A 133 1.94 -17.47 35.62
N SER A 134 0.79 -16.97 36.08
CA SER A 134 -0.31 -17.82 36.52
C SER A 134 -1.06 -18.47 35.36
N ASP A 135 -0.83 -17.98 34.15
CA ASP A 135 -1.57 -18.44 32.98
C ASP A 135 -1.02 -19.77 32.47
N ASP A 136 -1.55 -20.87 33.00
CA ASP A 136 -1.12 -22.20 32.60
C ASP A 136 -1.71 -22.61 31.26
N GLU A 137 -2.95 -22.20 31.01
CA GLU A 137 -3.59 -22.48 29.73
C GLU A 137 -2.76 -21.93 28.58
N ALA A 138 -2.45 -20.64 28.66
CA ALA A 138 -1.69 -19.97 27.60
C ALA A 138 -0.35 -20.65 27.36
N TYR A 139 0.38 -20.92 28.44
CA TYR A 139 1.66 -21.61 28.37
C TYR A 139 1.49 -22.94 27.63
N GLU A 140 0.52 -23.73 28.06
CA GLU A 140 0.27 -25.05 27.50
C GLU A 140 -0.12 -24.97 26.03
N ILE A 141 -0.91 -23.95 25.68
CA ILE A 141 -1.31 -23.73 24.31
C ILE A 141 -0.10 -23.46 23.42
N TRP A 142 0.78 -22.57 23.87
CA TRP A 142 2.00 -22.29 23.13
C TRP A 142 2.91 -23.50 23.04
N GLU A 143 3.05 -24.21 24.17
CA GLU A 143 3.94 -25.35 24.22
C GLU A 143 3.40 -26.58 23.48
N LYS A 144 2.15 -26.93 23.76
CA LYS A 144 1.62 -28.19 23.23
C LYS A 144 0.89 -28.00 21.91
N GLU A 145 0.00 -27.02 21.89
CA GLU A 145 -0.88 -26.85 20.74
C GLU A 145 -0.17 -26.20 19.56
N VAL A 146 0.67 -25.22 19.84
CA VAL A 146 1.38 -24.49 18.79
C VAL A 146 2.71 -25.16 18.46
N GLY A 147 3.50 -25.47 19.48
CA GLY A 147 4.76 -26.16 19.29
C GLY A 147 5.98 -25.29 19.52
N ILE A 148 5.83 -24.29 20.38
CA ILE A 148 6.94 -23.43 20.73
C ILE A 148 7.82 -24.08 21.79
N PRO A 149 9.14 -23.89 21.66
CA PRO A 149 10.13 -24.34 22.64
C PRO A 149 9.92 -23.75 24.02
N ARG A 150 10.15 -24.56 25.05
CA ARG A 150 9.99 -24.12 26.42
C ARG A 150 10.93 -22.99 26.75
N GLU A 151 12.11 -23.02 26.13
CA GLU A 151 13.10 -22.00 26.38
C GLU A 151 12.64 -20.64 25.86
N ARG A 152 11.69 -20.65 24.92
CA ARG A 152 11.21 -19.36 24.38
C ARG A 152 9.82 -18.93 24.82
N ILE A 153 9.30 -19.57 25.86
CA ILE A 153 8.04 -19.14 26.47
C ILE A 153 8.34 -18.56 27.85
N ILE A 154 8.60 -17.26 27.89
CA ILE A 154 8.95 -16.60 29.14
C ILE A 154 7.70 -16.27 29.95
N ARG A 155 7.69 -16.68 31.20
CA ARG A 155 6.59 -16.33 32.09
C ARG A 155 6.90 -15.01 32.77
N ILE A 156 5.91 -14.13 32.82
CA ILE A 156 6.11 -12.87 33.50
C ILE A 156 5.16 -12.72 34.67
N GLY A 157 5.73 -12.58 35.86
CA GLY A 157 4.98 -12.34 37.08
C GLY A 157 4.70 -10.86 37.21
N ASP A 158 4.07 -10.50 38.33
CA ASP A 158 3.73 -9.09 38.53
C ASP A 158 5.05 -8.36 38.71
N ASN A 159 5.82 -8.26 37.62
CA ASN A 159 7.25 -8.02 37.68
C ASN A 159 7.62 -6.56 37.84
N LYS A 160 6.64 -5.68 37.78
CA LYS A 160 6.93 -4.28 38.03
C LYS A 160 6.94 -4.03 39.52
N GLY A 161 6.75 -5.10 40.30
CA GLY A 161 6.91 -4.98 41.74
C GLY A 161 5.75 -4.24 42.40
N ALA A 162 4.58 -4.36 41.79
CA ALA A 162 3.34 -4.19 42.54
C ALA A 162 2.45 -5.29 42.00
N PRO A 163 1.48 -5.72 42.81
CA PRO A 163 0.42 -6.61 42.37
C PRO A 163 -0.28 -5.82 41.26
N TYR A 164 -1.00 -6.77 40.48
CA TYR A 164 -0.08 -7.10 39.27
C TYR A 164 0.38 -5.97 38.41
N ALA A 165 1.56 -5.44 38.71
CA ALA A 165 2.19 -4.51 37.81
C ALA A 165 2.98 -5.41 36.90
N SER A 166 2.38 -5.73 35.76
CA SER A 166 2.89 -6.81 34.98
C SER A 166 2.86 -6.33 33.57
N ASP A 167 3.83 -6.80 32.80
CA ASP A 167 3.73 -6.61 31.36
C ASP A 167 2.71 -7.60 30.81
N ASN A 168 2.44 -8.66 31.56
CA ASN A 168 1.48 -9.64 31.10
C ASN A 168 0.12 -9.61 31.79
N PHE A 169 -0.21 -8.46 32.35
CA PHE A 169 -1.57 -8.21 32.79
C PHE A 169 -1.95 -6.81 32.34
N TRP A 170 -2.78 -6.74 31.31
CA TRP A 170 -3.09 -5.46 30.70
C TRP A 170 -4.39 -4.85 31.22
N GLN A 171 -4.32 -3.58 31.60
CA GLN A 171 -5.49 -2.85 32.04
C GLN A 171 -5.80 -1.70 31.09
N MET A 172 -7.08 -1.42 30.89
CA MET A 172 -7.51 -0.36 29.99
C MET A 172 -7.02 1.01 30.44
N GLY A 173 -7.29 1.33 31.71
CA GLY A 173 -6.90 2.61 32.29
C GLY A 173 -7.21 2.59 33.77
N ASP A 174 -7.82 3.66 34.27
CA ASP A 174 -8.22 3.71 35.67
C ASP A 174 -9.36 2.74 35.98
N THR A 175 -10.25 2.55 35.01
CA THR A 175 -11.32 1.55 35.12
C THR A 175 -11.52 0.85 33.79
N GLY A 176 -12.31 -0.24 33.80
CA GLY A 176 -12.65 -0.94 32.58
C GLY A 176 -12.18 -2.39 32.54
N PRO A 177 -12.40 -3.05 31.40
CA PRO A 177 -12.03 -4.45 31.19
C PRO A 177 -10.52 -4.67 31.21
N CYS A 178 -10.11 -5.82 31.73
CA CYS A 178 -8.70 -6.15 31.86
C CYS A 178 -8.53 -7.66 32.01
N GLY A 179 -7.29 -8.12 32.04
CA GLY A 179 -7.01 -9.53 32.22
C GLY A 179 -5.59 -9.88 31.82
N PRO A 180 -5.18 -11.14 32.08
CA PRO A 180 -3.84 -11.58 31.69
C PRO A 180 -3.71 -11.57 30.18
N CYS A 181 -2.49 -11.41 29.68
CA CYS A 181 -2.27 -11.33 28.24
C CYS A 181 -0.96 -11.99 27.83
N THR A 182 -0.90 -12.38 26.56
CA THR A 182 0.31 -12.96 26.00
C THR A 182 0.83 -12.09 24.85
N GLU A 183 2.15 -11.97 24.76
CA GLU A 183 2.75 -11.08 23.77
C GLU A 183 3.72 -11.81 22.86
N ILE A 184 3.75 -11.41 21.58
CA ILE A 184 4.65 -12.03 20.61
C ILE A 184 5.78 -11.08 20.24
N PHE A 185 7.01 -11.53 20.44
CA PHE A 185 8.19 -10.71 20.18
C PHE A 185 8.97 -11.21 18.97
N TYR A 186 9.56 -10.28 18.24
CA TYR A 186 10.39 -10.62 17.10
C TYR A 186 11.83 -10.20 17.35
N ASP A 187 12.76 -11.11 17.10
CA ASP A 187 14.18 -10.82 17.24
C ASP A 187 14.69 -10.18 15.95
N HIS A 188 15.09 -8.92 16.03
CA HIS A 188 15.65 -8.25 14.87
C HIS A 188 17.13 -8.60 14.75
N GLY A 189 17.63 -9.35 15.72
CA GLY A 189 18.95 -9.97 15.57
C GLY A 189 20.12 -9.25 16.25
N ASP A 190 21.28 -9.91 16.19
CA ASP A 190 22.38 -9.63 17.12
C ASP A 190 23.00 -8.24 17.09
N HIS A 191 22.84 -7.53 15.97
CA HIS A 191 23.47 -6.21 15.87
C HIS A 191 22.83 -5.15 16.79
N ILE A 192 21.53 -5.27 17.05
CA ILE A 192 20.88 -4.34 17.99
C ILE A 192 21.20 -4.69 19.43
N TRP A 193 21.34 -3.66 20.27
CA TRP A 193 21.48 -3.86 21.71
C TRP A 193 20.13 -4.21 22.33
N GLY A 194 20.12 -5.24 23.17
CA GLY A 194 18.90 -5.65 23.85
C GLY A 194 18.77 -7.15 24.02
N GLY A 195 18.08 -7.56 25.09
CA GLY A 195 17.84 -8.96 25.36
C GLY A 195 16.36 -9.29 25.37
N PRO A 196 16.01 -10.58 25.54
CA PRO A 196 14.62 -11.03 25.56
C PRO A 196 13.83 -10.43 26.72
N PRO A 197 12.49 -10.59 26.70
CA PRO A 197 11.68 -10.09 27.80
C PRO A 197 12.04 -10.76 29.12
N GLY A 198 11.96 -10.01 30.22
CA GLY A 198 12.33 -10.54 31.53
C GLY A 198 13.83 -10.56 31.71
N SER A 199 14.53 -9.87 30.80
CA SER A 199 15.99 -9.86 30.83
C SER A 199 16.45 -8.43 31.02
N PRO A 200 17.65 -8.26 31.59
CA PRO A 200 18.06 -6.95 32.09
C PRO A 200 17.80 -5.91 31.04
N GLU A 201 18.10 -6.26 29.80
CA GLU A 201 18.17 -5.28 28.72
C GLU A 201 16.94 -5.45 27.84
N GLU A 202 15.82 -5.75 28.47
CA GLU A 202 14.58 -6.06 27.77
C GLU A 202 14.04 -4.85 27.00
N ASP A 203 14.40 -3.66 27.46
CA ASP A 203 13.93 -2.41 26.86
C ASP A 203 14.52 -2.16 25.47
N GLY A 204 15.73 -2.67 25.23
CA GLY A 204 16.43 -2.45 23.96
C GLY A 204 15.61 -2.95 22.75
N ASP A 205 15.94 -2.39 21.59
CA ASP A 205 15.08 -2.49 20.39
C ASP A 205 15.27 -3.74 19.55
N ARG A 206 15.99 -4.72 20.08
CA ARG A 206 16.25 -5.95 19.35
C ARG A 206 15.03 -6.86 19.34
N TYR A 207 14.55 -7.20 20.53
CA TYR A 207 13.35 -8.02 20.68
C TYR A 207 12.12 -7.13 20.81
N ILE A 208 11.47 -6.88 19.68
CA ILE A 208 10.33 -5.96 19.62
C ILE A 208 8.98 -6.65 19.85
N GLU A 209 8.18 -6.06 20.73
CA GLU A 209 6.82 -6.54 20.96
C GLU A 209 5.95 -6.18 19.75
N ILE A 210 5.50 -7.20 19.04
CA ILE A 210 4.73 -7.00 17.82
C ILE A 210 3.22 -7.07 18.07
N TRP A 211 2.79 -8.02 18.89
CA TRP A 211 1.38 -8.33 19.04
C TRP A 211 1.04 -8.63 20.50
N ASN A 212 0.13 -7.87 21.08
CA ASN A 212 -0.39 -8.18 22.41
C ASN A 212 -1.78 -8.80 22.32
N ILE A 213 -1.98 -9.90 23.04
CA ILE A 213 -3.25 -10.61 23.03
C ILE A 213 -3.81 -10.68 24.45
N VAL A 214 -4.80 -9.83 24.73
CA VAL A 214 -5.34 -9.73 26.09
C VAL A 214 -6.60 -10.57 26.28
N PHE A 215 -6.52 -11.50 27.22
CA PHE A 215 -7.68 -12.31 27.58
C PHE A 215 -8.53 -11.58 28.61
N MET A 216 -9.53 -10.85 28.13
CA MET A 216 -10.39 -10.04 28.97
C MET A 216 -11.20 -10.89 29.95
N GLN A 217 -10.84 -10.81 31.23
CA GLN A 217 -11.47 -11.60 32.27
C GLN A 217 -12.24 -10.73 33.26
N PHE A 218 -11.63 -9.61 33.64
CA PHE A 218 -12.16 -8.81 34.73
C PHE A 218 -12.55 -7.40 34.30
N ASN A 219 -13.31 -6.74 35.18
CA ASN A 219 -13.60 -5.33 35.03
C ASN A 219 -13.22 -4.60 36.30
N ARG A 220 -12.54 -3.47 36.17
CA ARG A 220 -12.14 -2.64 37.30
C ARG A 220 -13.18 -1.53 37.41
N GLN A 221 -14.00 -1.63 38.43
CA GLN A 221 -15.23 -0.85 38.62
C GLN A 221 -15.23 0.66 38.89
N ALA A 222 -14.30 1.11 39.72
CA ALA A 222 -14.41 2.35 40.49
C ALA A 222 -13.45 2.20 41.61
N ASP A 223 -13.97 1.62 42.67
CA ASP A 223 -13.15 1.12 43.73
C ASP A 223 -12.31 -0.01 43.15
N GLY A 224 -11.22 -0.27 43.84
CA GLY A 224 -10.12 -1.15 43.39
C GLY A 224 -10.54 -2.57 43.09
N THR A 225 -11.63 -3.02 43.70
CA THR A 225 -12.17 -4.36 43.50
C THR A 225 -12.44 -4.73 42.04
N MET A 226 -12.23 -6.00 41.73
CA MET A 226 -12.19 -6.46 40.35
C MET A 226 -13.28 -7.50 40.09
N GLU A 227 -14.41 -7.05 39.56
CA GLU A 227 -15.51 -7.96 39.23
C GLU A 227 -15.23 -8.71 37.94
N PRO A 228 -15.78 -9.93 37.81
CA PRO A 228 -15.63 -10.71 36.59
C PRO A 228 -16.48 -10.16 35.46
N LEU A 229 -16.03 -10.34 34.22
CA LEU A 229 -16.82 -9.98 33.06
C LEU A 229 -17.87 -11.05 32.81
N PRO A 230 -19.06 -10.66 32.33
CA PRO A 230 -20.14 -11.60 32.05
C PRO A 230 -19.66 -12.76 31.18
N LYS A 231 -18.89 -12.45 30.14
CA LYS A 231 -18.38 -13.46 29.22
C LYS A 231 -16.92 -13.19 28.89
N PRO A 232 -16.02 -14.13 29.22
CA PRO A 232 -14.62 -13.99 28.87
C PRO A 232 -14.48 -13.60 27.40
N SER A 233 -13.59 -12.66 27.12
CA SER A 233 -13.44 -12.16 25.76
C SER A 233 -11.98 -11.88 25.44
N VAL A 234 -11.71 -11.61 24.17
CA VAL A 234 -10.35 -11.44 23.68
C VAL A 234 -10.14 -10.07 23.08
N ASP A 235 -9.03 -9.43 23.41
CA ASP A 235 -8.69 -8.16 22.79
C ASP A 235 -7.24 -8.17 22.34
N THR A 236 -7.00 -8.02 21.04
CA THR A 236 -5.62 -8.05 20.57
C THR A 236 -5.27 -6.80 19.78
N ALA A 237 -4.00 -6.44 19.80
CA ALA A 237 -3.52 -5.35 18.98
C ALA A 237 -2.12 -5.66 18.51
N MET A 238 -1.91 -5.66 17.21
CA MET A 238 -0.58 -5.76 16.66
C MET A 238 -0.22 -4.40 16.10
N GLY A 239 0.96 -3.90 16.42
CA GLY A 239 1.37 -2.59 15.94
C GLY A 239 1.72 -2.62 14.47
N LEU A 240 0.92 -1.92 13.67
CA LEU A 240 1.08 -1.91 12.22
C LEU A 240 2.49 -1.51 11.79
N GLU A 241 3.01 -0.43 12.37
CA GLU A 241 4.34 0.06 12.06
C GLU A 241 5.43 -0.95 12.40
N ARG A 242 5.30 -1.60 13.55
CA ARG A 242 6.31 -2.55 14.02
C ARG A 242 6.36 -3.82 13.18
N ILE A 243 5.19 -4.33 12.80
CA ILE A 243 5.12 -5.51 11.95
C ILE A 243 5.57 -5.19 10.52
N ALA A 244 5.32 -3.95 10.10
CA ALA A 244 5.77 -3.49 8.79
C ALA A 244 7.29 -3.42 8.74
N ALA A 245 7.91 -3.09 9.87
CA ALA A 245 9.37 -3.05 9.96
C ALA A 245 9.95 -4.45 9.76
N VAL A 246 9.31 -5.44 10.37
CA VAL A 246 9.72 -6.84 10.24
C VAL A 246 9.59 -7.29 8.79
N LEU A 247 8.40 -7.12 8.23
CA LEU A 247 8.10 -7.57 6.88
C LEU A 247 8.92 -6.87 5.80
N GLN A 248 9.23 -5.59 6.03
CA GLN A 248 10.01 -4.82 5.06
C GLN A 248 11.52 -4.93 5.31
N HIS A 249 11.89 -5.83 6.21
CA HIS A 249 13.29 -6.19 6.45
C HIS A 249 14.15 -5.07 7.03
N VAL A 250 13.51 -4.18 7.77
CA VAL A 250 14.23 -3.12 8.47
C VAL A 250 14.15 -3.34 9.99
N ASN A 251 14.74 -2.43 10.75
CA ASN A 251 14.75 -2.57 12.21
C ASN A 251 13.96 -1.45 12.90
N SER A 252 13.99 -0.26 12.31
CA SER A 252 13.29 0.89 12.86
C SER A 252 11.94 1.09 12.18
N ASN A 253 10.95 1.50 12.94
CA ASN A 253 9.65 1.85 12.38
C ASN A 253 9.79 3.00 11.40
N TYR A 254 10.88 3.74 11.53
CA TYR A 254 11.10 4.94 10.72
C TYR A 254 11.82 4.64 9.41
N ASP A 255 12.05 3.36 9.14
CA ASP A 255 12.63 2.93 7.89
C ASP A 255 11.58 2.29 6.98
N ILE A 256 10.37 2.13 7.50
CA ILE A 256 9.28 1.57 6.71
C ILE A 256 8.85 2.56 5.63
N ASP A 257 8.23 2.04 4.58
CA ASP A 257 7.90 2.83 3.39
C ASP A 257 7.38 4.24 3.68
N LEU A 258 6.33 4.34 4.48
CA LEU A 258 5.66 5.63 4.67
C LEU A 258 6.46 6.62 5.51
N PHE A 259 7.42 6.11 6.28
CA PHE A 259 8.31 6.97 7.05
C PHE A 259 9.54 7.38 6.26
N ARG A 260 10.00 6.50 5.37
CA ARG A 260 11.09 6.83 4.46
C ARG A 260 10.73 8.10 3.69
N THR A 261 9.53 8.11 3.12
CA THR A 261 9.08 9.22 2.30
C THR A 261 8.74 10.44 3.14
N LEU A 262 8.17 10.20 4.32
CA LEU A 262 7.75 11.29 5.19
C LEU A 262 8.95 12.05 5.76
N ILE A 263 10.02 11.32 6.03
CA ILE A 263 11.25 11.92 6.53
C ILE A 263 11.94 12.77 5.46
N GLN A 264 11.86 12.31 4.22
CA GLN A 264 12.41 13.04 3.09
C GLN A 264 11.68 14.36 2.90
N ALA A 265 10.38 14.35 3.16
CA ALA A 265 9.56 15.56 3.08
C ALA A 265 9.93 16.53 4.20
N VAL A 266 10.39 15.98 5.33
CA VAL A 266 10.83 16.80 6.45
C VAL A 266 12.18 17.43 6.13
N ALA A 267 13.07 16.65 5.54
CA ALA A 267 14.40 17.14 5.16
C ALA A 267 14.29 18.23 4.10
N LYS A 268 13.29 18.13 3.23
CA LYS A 268 13.08 19.10 2.17
C LYS A 268 12.75 20.47 2.74
N VAL A 269 11.78 20.52 3.64
CA VAL A 269 11.24 21.78 4.14
C VAL A 269 12.00 22.38 5.33
N THR A 270 12.98 21.65 5.86
CA THR A 270 13.76 22.14 6.99
C THR A 270 15.20 22.45 6.61
N GLY A 271 15.63 21.95 5.45
CA GLY A 271 17.01 22.12 5.01
C GLY A 271 17.94 21.19 5.75
N ALA A 272 17.39 20.12 6.32
CA ALA A 272 18.19 19.12 7.02
C ALA A 272 19.24 18.52 6.08
N THR A 273 20.42 18.23 6.62
CA THR A 273 21.55 17.80 5.80
C THR A 273 21.79 16.29 5.81
N ASP A 274 21.35 15.61 6.86
CA ASP A 274 21.48 14.15 6.93
C ASP A 274 20.16 13.51 7.36
N LEU A 275 19.83 12.39 6.73
CA LEU A 275 18.52 11.75 6.93
C LEU A 275 18.46 10.85 8.16
N SER A 276 19.55 10.77 8.90
CA SER A 276 19.62 9.88 10.06
C SER A 276 19.58 10.64 11.39
N ASN A 277 18.85 11.76 11.40
CA ASN A 277 18.79 12.61 12.59
C ASN A 277 17.56 12.36 13.45
N LYS A 278 17.72 12.51 14.76
CA LYS A 278 16.64 12.31 15.72
C LYS A 278 15.42 13.17 15.39
N SER A 279 15.66 14.44 15.08
CA SER A 279 14.59 15.42 14.88
C SER A 279 13.69 15.11 13.69
N LEU A 280 14.26 14.51 12.65
CA LEU A 280 13.50 14.15 11.46
C LEU A 280 12.43 13.12 11.79
N ARG A 281 12.78 12.14 12.62
CA ARG A 281 11.83 11.12 13.05
C ARG A 281 10.75 11.72 13.93
N VAL A 282 11.17 12.60 14.84
CA VAL A 282 10.25 13.24 15.77
C VAL A 282 9.19 14.05 15.01
N ILE A 283 9.62 14.81 14.02
CA ILE A 283 8.70 15.63 13.23
C ILE A 283 7.77 14.78 12.37
N ALA A 284 8.32 13.74 11.75
CA ALA A 284 7.52 12.81 10.96
C ALA A 284 6.44 12.16 11.81
N ASP A 285 6.77 11.85 13.07
CA ASP A 285 5.80 11.31 14.00
C ASP A 285 4.74 12.33 14.37
N HIS A 286 5.19 13.52 14.77
CA HIS A 286 4.30 14.56 15.30
C HIS A 286 3.29 15.09 14.30
N ILE A 287 3.65 15.08 13.01
CA ILE A 287 2.73 15.53 11.98
C ILE A 287 1.54 14.57 11.89
N ARG A 288 1.77 13.30 12.19
CA ARG A 288 0.70 12.31 12.18
C ARG A 288 -0.28 12.54 13.32
N SER A 289 0.25 12.81 14.52
CA SER A 289 -0.58 13.11 15.67
C SER A 289 -1.40 14.37 15.41
N CYS A 290 -0.70 15.47 15.15
CA CYS A 290 -1.34 16.77 15.02
C CYS A 290 -2.36 16.82 13.89
N ALA A 291 -1.96 16.41 12.69
CA ALA A 291 -2.85 16.44 11.53
C ALA A 291 -4.14 15.64 11.76
N PHE A 292 -3.98 14.40 12.23
CA PHE A 292 -5.13 13.53 12.47
C PHE A 292 -6.02 14.03 13.61
N LEU A 293 -5.41 14.50 14.69
CA LEU A 293 -6.16 15.05 15.82
C LEU A 293 -7.05 16.21 15.39
N ILE A 294 -6.47 17.14 14.64
CA ILE A 294 -7.22 18.28 14.11
C ILE A 294 -8.34 17.79 13.19
N ALA A 295 -8.00 16.86 12.30
CA ALA A 295 -8.97 16.30 11.37
C ALA A 295 -10.14 15.64 12.08
N ASP A 296 -9.88 15.14 13.30
CA ASP A 296 -10.92 14.51 14.11
C ASP A 296 -11.67 15.52 14.97
N GLY A 297 -11.30 16.80 14.85
CA GLY A 297 -12.05 17.86 15.52
C GLY A 297 -11.40 18.45 16.76
N VAL A 298 -10.14 18.12 17.00
CA VAL A 298 -9.42 18.69 18.14
C VAL A 298 -8.74 19.99 17.73
N MET A 299 -9.22 21.11 18.27
CA MET A 299 -8.65 22.41 17.99
C MET A 299 -7.63 22.76 19.06
N PRO A 300 -6.42 23.18 18.64
CA PRO A 300 -5.37 23.57 19.59
C PRO A 300 -5.89 24.62 20.56
N SER A 301 -5.43 24.55 21.80
CA SER A 301 -5.98 25.35 22.88
C SER A 301 -5.04 25.33 24.08
N ASN A 302 -5.46 25.99 25.16
CA ASN A 302 -4.69 26.01 26.39
C ASN A 302 -5.34 25.16 27.44
N GLU A 303 -6.44 24.52 27.06
CA GLU A 303 -7.20 23.74 27.98
C GLU A 303 -7.28 22.31 27.46
N ASN A 304 -7.08 21.34 28.36
CA ASN A 304 -7.37 19.93 28.06
C ASN A 304 -6.69 19.32 26.85
N ARG A 305 -7.49 18.72 25.97
CA ARG A 305 -6.97 18.04 24.80
C ARG A 305 -6.32 19.00 23.82
N GLY A 306 -6.88 20.20 23.71
CA GLY A 306 -6.34 21.19 22.81
C GLY A 306 -4.92 21.53 23.18
N TYR A 307 -4.65 21.56 24.49
CA TYR A 307 -3.32 21.92 24.94
C TYR A 307 -2.29 20.82 24.64
N VAL A 308 -2.70 19.56 24.80
CA VAL A 308 -1.81 18.45 24.47
C VAL A 308 -1.41 18.51 23.00
N LEU A 309 -2.40 18.77 22.14
CA LEU A 309 -2.14 18.97 20.73
C LEU A 309 -1.18 20.11 20.51
N ARG A 310 -1.49 21.27 21.09
CA ARG A 310 -0.63 22.45 20.98
C ARG A 310 0.80 22.14 21.38
N ARG A 311 0.96 21.44 22.50
CA ARG A 311 2.27 21.05 22.99
C ARG A 311 3.06 20.27 21.94
N ILE A 312 2.41 19.26 21.36
CA ILE A 312 3.04 18.42 20.35
C ILE A 312 3.43 19.24 19.12
N ILE A 313 2.53 20.12 18.70
CA ILE A 313 2.80 21.01 17.57
C ILE A 313 4.06 21.82 17.83
N ARG A 314 4.06 22.55 18.95
CA ARG A 314 5.16 23.42 19.31
C ARG A 314 6.48 22.67 19.46
N ARG A 315 6.42 21.47 20.03
CA ARG A 315 7.62 20.63 20.16
C ARG A 315 8.18 20.26 18.80
N ALA A 316 7.28 20.03 17.84
CA ALA A 316 7.69 19.66 16.48
C ALA A 316 8.31 20.85 15.76
N VAL A 317 7.73 22.03 15.95
CA VAL A 317 8.26 23.25 15.36
C VAL A 317 9.66 23.53 15.90
N ARG A 318 9.84 23.32 17.20
CA ARG A 318 11.14 23.50 17.85
C ARG A 318 12.22 22.66 17.17
N HIS A 319 11.88 21.43 16.82
CA HIS A 319 12.82 20.54 16.14
C HIS A 319 13.13 21.01 14.72
N GLY A 320 12.10 21.47 14.01
CA GLY A 320 12.27 22.00 12.66
C GLY A 320 13.20 23.20 12.66
N ASN A 321 12.98 24.09 13.63
CA ASN A 321 13.83 25.25 13.83
C ASN A 321 15.29 24.87 14.07
N MET A 322 15.49 23.85 14.90
CA MET A 322 16.84 23.35 15.19
C MET A 322 17.50 22.81 13.93
N LEU A 323 16.70 22.20 13.06
CA LEU A 323 17.22 21.64 11.81
C LEU A 323 17.60 22.73 10.81
N GLY A 324 17.03 23.92 10.98
CA GLY A 324 17.38 25.06 10.15
C GLY A 324 16.23 25.58 9.30
N ALA A 325 15.01 25.26 9.67
CA ALA A 325 13.84 25.72 8.93
C ALA A 325 13.84 27.24 8.81
N LYS A 326 13.92 27.73 7.58
CA LYS A 326 13.99 29.17 7.32
C LYS A 326 12.62 29.84 7.41
N GLU A 327 11.56 29.06 7.22
CA GLU A 327 10.20 29.59 7.26
C GLU A 327 9.19 28.55 7.72
N THR A 328 7.95 28.98 7.94
CA THR A 328 6.87 28.08 8.35
C THR A 328 6.92 26.80 7.52
N PHE A 329 6.98 25.66 8.19
CA PHE A 329 7.26 24.39 7.52
C PHE A 329 6.27 23.27 7.85
N PHE A 330 5.73 23.31 9.07
CA PHE A 330 4.99 22.16 9.60
C PHE A 330 3.74 21.79 8.79
N TYR A 331 3.01 22.79 8.33
CA TYR A 331 1.78 22.57 7.56
C TYR A 331 2.07 21.95 6.21
N LYS A 332 3.28 22.14 5.71
CA LYS A 332 3.67 21.62 4.40
C LYS A 332 3.76 20.10 4.40
N LEU A 333 3.75 19.50 5.58
CA LEU A 333 3.89 18.05 5.70
C LEU A 333 2.55 17.32 5.67
N VAL A 334 1.46 18.08 5.67
CA VAL A 334 0.12 17.49 5.58
C VAL A 334 -0.07 16.77 4.24
N GLY A 335 0.28 17.45 3.16
CA GLY A 335 0.19 16.86 1.82
C GLY A 335 0.88 15.51 1.70
N PRO A 336 2.20 15.49 1.91
CA PRO A 336 2.99 14.26 1.88
C PRO A 336 2.46 13.20 2.85
N LEU A 337 1.86 13.64 3.96
CA LEU A 337 1.28 12.72 4.92
C LEU A 337 0.05 12.02 4.33
N ILE A 338 -0.77 12.80 3.62
CA ILE A 338 -1.96 12.27 2.97
C ILE A 338 -1.58 11.21 1.92
N ASP A 339 -0.51 11.46 1.19
CA ASP A 339 -0.05 10.54 0.15
C ASP A 339 0.38 9.19 0.72
N VAL A 340 1.25 9.22 1.72
CA VAL A 340 1.84 8.00 2.28
C VAL A 340 0.86 7.19 3.13
N MET A 341 -0.39 7.64 3.21
CA MET A 341 -1.41 6.95 4.01
C MET A 341 -2.54 6.41 3.14
N GLY A 342 -3.02 7.25 2.23
CA GLY A 342 -4.11 6.89 1.33
C GLY A 342 -5.39 6.48 2.04
N SER A 343 -5.67 5.19 2.02
CA SER A 343 -6.90 4.64 2.58
C SER A 343 -7.14 5.06 4.03
N ALA A 344 -6.06 5.13 4.81
CA ALA A 344 -6.17 5.38 6.25
C ALA A 344 -6.27 6.87 6.57
N GLY A 345 -5.94 7.71 5.59
CA GLY A 345 -6.02 9.16 5.78
C GLY A 345 -7.25 9.76 5.13
N GLU A 346 -8.35 9.01 5.14
CA GLU A 346 -9.59 9.42 4.49
C GLU A 346 -10.09 10.78 4.97
N ASP A 347 -10.38 10.88 6.26
CA ASP A 347 -10.89 12.11 6.84
C ASP A 347 -9.93 13.27 6.62
N LEU A 348 -8.64 12.93 6.51
CA LEU A 348 -7.58 13.93 6.37
C LEU A 348 -7.54 14.57 4.97
N LYS A 349 -8.13 13.92 3.98
CA LYS A 349 -8.25 14.53 2.66
C LYS A 349 -9.39 15.52 2.65
N ARG A 350 -10.52 15.10 3.23
CA ARG A 350 -11.71 15.94 3.34
C ARG A 350 -11.32 17.33 3.82
N GLN A 351 -10.86 17.43 5.06
CA GLN A 351 -10.21 18.65 5.48
C GLN A 351 -8.74 18.47 5.27
N GLN A 352 -8.21 19.11 4.24
CA GLN A 352 -6.78 19.23 4.19
C GLN A 352 -6.44 20.67 4.51
N ALA A 353 -7.15 21.58 3.86
CA ALA A 353 -6.88 23.00 4.02
C ALA A 353 -7.13 23.47 5.45
N GLN A 354 -8.20 22.97 6.05
CA GLN A 354 -8.54 23.35 7.42
C GLN A 354 -7.39 22.96 8.34
N VAL A 355 -6.82 21.80 8.08
CA VAL A 355 -5.70 21.29 8.86
C VAL A 355 -4.41 22.07 8.58
N GLU A 356 -4.14 22.32 7.31
CA GLU A 356 -2.96 23.11 6.93
C GLU A 356 -3.05 24.51 7.52
N GLN A 357 -4.26 25.03 7.63
CA GLN A 357 -4.48 26.37 8.18
C GLN A 357 -4.23 26.40 9.68
N VAL A 358 -4.83 25.45 10.39
CA VAL A 358 -4.64 25.36 11.84
C VAL A 358 -3.16 25.20 12.17
N LEU A 359 -2.50 24.29 11.49
CA LEU A 359 -1.09 24.01 11.72
C LEU A 359 -0.21 25.20 11.33
N LYS A 360 -0.69 26.01 10.39
CA LYS A 360 0.06 27.18 9.96
C LYS A 360 0.00 28.29 11.00
N THR A 361 -1.22 28.69 11.37
CA THR A 361 -1.41 29.70 12.39
C THR A 361 -0.61 29.35 13.65
N GLU A 362 -0.74 28.10 14.10
CA GLU A 362 -0.06 27.65 15.32
C GLU A 362 1.45 27.87 15.29
N GLU A 363 2.11 27.42 14.23
CA GLU A 363 3.55 27.60 14.10
C GLU A 363 3.90 29.07 13.98
N GLU A 364 3.08 29.80 13.23
CA GLU A 364 3.30 31.21 13.01
C GLU A 364 3.30 31.98 14.33
N GLN A 365 2.45 31.55 15.25
CA GLN A 365 2.35 32.18 16.56
C GLN A 365 3.51 31.81 17.48
N PHE A 366 3.84 30.53 17.52
CA PHE A 366 4.92 30.07 18.38
C PHE A 366 6.26 30.67 17.94
N ALA A 367 6.42 30.83 16.62
CA ALA A 367 7.64 31.41 16.07
C ALA A 367 7.83 32.84 16.56
N ARG A 368 6.74 33.45 17.00
CA ARG A 368 6.74 34.81 17.50
C ARG A 368 7.57 34.95 18.78
N THR A 369 7.76 33.83 19.48
CA THR A 369 8.51 33.84 20.73
C THR A 369 9.54 32.72 20.81
N LEU A 370 9.49 31.79 19.86
CA LEU A 370 10.36 30.62 19.87
C LEU A 370 11.84 30.96 19.99
N GLU A 371 12.39 31.63 18.99
CA GLU A 371 13.83 31.89 18.94
C GLU A 371 14.31 32.81 20.07
N ARG A 372 13.46 33.75 20.47
CA ARG A 372 13.79 34.62 21.60
C ARG A 372 13.83 33.82 22.89
N GLY A 373 12.92 32.87 23.02
CA GLY A 373 12.89 31.99 24.18
C GLY A 373 14.08 31.04 24.23
N LEU A 374 14.52 30.59 23.05
CA LEU A 374 15.69 29.72 22.95
C LEU A 374 16.97 30.47 23.36
N ALA A 375 16.99 31.77 23.11
CA ALA A 375 18.10 32.62 23.53
C ALA A 375 18.08 32.80 25.04
N LEU A 376 16.90 33.10 25.57
CA LEU A 376 16.70 33.19 27.02
C LEU A 376 17.21 31.91 27.68
N LEU A 377 16.88 30.77 27.09
CA LEU A 377 17.29 29.47 27.61
C LEU A 377 18.81 29.29 27.57
N ASP A 378 19.41 29.56 26.41
CA ASP A 378 20.85 29.43 26.25
C ASP A 378 21.64 30.30 27.23
N GLU A 379 21.12 31.49 27.50
CA GLU A 379 21.75 32.37 28.48
C GLU A 379 21.76 31.73 29.85
N GLU A 380 20.61 31.21 30.25
CA GLU A 380 20.44 30.60 31.56
C GLU A 380 21.21 29.30 31.72
N LEU A 381 21.40 28.59 30.62
CA LEU A 381 22.15 27.35 30.67
C LEU A 381 23.61 27.61 31.00
N ALA A 382 24.17 28.68 30.45
CA ALA A 382 25.57 29.04 30.69
C ALA A 382 25.78 29.47 32.15
N LYS A 383 24.75 30.13 32.70
CA LYS A 383 24.79 30.57 34.10
C LYS A 383 24.72 29.39 35.06
N LEU A 384 24.34 28.22 34.48
CA LEU A 384 24.19 27.00 35.30
C LEU A 384 25.53 26.38 35.70
N SER A 385 25.67 26.09 36.99
CA SER A 385 26.74 25.22 37.49
C SER A 385 26.08 24.02 38.16
N GLY A 386 26.05 22.89 37.46
CA GLY A 386 25.30 21.71 37.85
C GLY A 386 24.72 21.09 36.60
N ASP A 387 23.80 20.14 36.75
CA ASP A 387 23.18 19.51 35.59
C ASP A 387 21.67 19.71 35.58
N THR A 388 21.19 20.65 36.38
CA THR A 388 19.77 20.90 36.52
C THR A 388 19.43 22.37 36.25
N LEU A 389 18.48 22.60 35.34
CA LEU A 389 17.99 23.94 35.06
C LEU A 389 16.96 24.36 36.11
N ASP A 390 17.15 25.55 36.68
CA ASP A 390 16.25 26.05 37.72
C ASP A 390 14.82 26.17 37.22
N GLY A 391 13.87 25.90 38.12
CA GLY A 391 12.45 25.94 37.78
C GLY A 391 11.95 27.31 37.40
N GLU A 392 12.56 28.35 37.95
CA GLU A 392 12.18 29.73 37.66
C GLU A 392 12.39 30.07 36.18
N THR A 393 13.50 29.58 35.62
CA THR A 393 13.77 29.77 34.20
C THR A 393 12.72 29.04 33.36
N ALA A 394 12.43 27.80 33.73
CA ALA A 394 11.44 26.99 33.04
C ALA A 394 10.07 27.66 33.08
N PHE A 395 9.75 28.27 34.22
CA PHE A 395 8.48 28.96 34.39
C PHE A 395 8.40 30.21 33.52
N ARG A 396 9.52 30.90 33.36
CA ARG A 396 9.56 32.11 32.53
C ARG A 396 9.31 31.77 31.07
N LEU A 397 9.97 30.72 30.59
CA LEU A 397 9.77 30.25 29.22
C LEU A 397 8.30 29.89 28.98
N TYR A 398 7.65 29.38 30.02
CA TYR A 398 6.25 29.00 29.93
C TYR A 398 5.34 30.21 29.98
N ASP A 399 5.55 31.05 30.99
CA ASP A 399 4.70 32.21 31.24
C ASP A 399 4.74 33.24 30.11
N THR A 400 5.94 33.52 29.62
CA THR A 400 6.14 34.57 28.64
C THR A 400 6.24 34.05 27.20
N TYR A 401 7.04 33.02 27.01
CA TYR A 401 7.36 32.54 25.67
C TYR A 401 6.47 31.40 25.19
N GLY A 402 5.59 30.92 26.08
CA GLY A 402 4.66 29.86 25.73
C GLY A 402 5.31 28.50 25.57
N PHE A 403 6.47 28.31 26.21
CA PHE A 403 7.15 27.02 26.22
C PHE A 403 6.47 26.09 27.21
N PRO A 404 5.84 25.02 26.71
CA PRO A 404 5.32 24.02 27.64
C PRO A 404 6.47 23.37 28.39
N VAL A 405 6.29 23.12 29.68
CA VAL A 405 7.37 22.59 30.52
C VAL A 405 8.12 21.41 29.87
N ASP A 406 7.37 20.51 29.23
CA ASP A 406 7.97 19.33 28.61
C ASP A 406 8.80 19.67 27.37
N LEU A 407 8.46 20.78 26.72
CA LEU A 407 9.24 21.24 25.58
C LEU A 407 10.61 21.71 26.03
N THR A 408 10.62 22.58 27.04
CA THR A 408 11.88 23.04 27.64
C THR A 408 12.71 21.83 28.07
N ALA A 409 12.06 20.88 28.70
CA ALA A 409 12.71 19.66 29.17
C ALA A 409 13.30 18.86 28.01
N ASP A 410 12.60 18.87 26.88
CA ASP A 410 13.06 18.16 25.69
C ASP A 410 14.31 18.82 25.10
N VAL A 411 14.39 20.14 25.22
CA VAL A 411 15.56 20.87 24.73
C VAL A 411 16.77 20.60 25.63
N CYS A 412 16.56 20.67 26.93
CA CYS A 412 17.63 20.45 27.90
C CYS A 412 18.11 19.00 27.89
N ARG A 413 17.19 18.08 27.63
CA ARG A 413 17.50 16.65 27.59
C ARG A 413 18.64 16.36 26.61
N GLU A 414 18.62 17.05 25.48
CA GLU A 414 19.61 16.85 24.42
C GLU A 414 21.02 17.29 24.83
N ARG A 415 21.13 17.99 25.96
CA ARG A 415 22.42 18.45 26.44
C ARG A 415 22.76 17.85 27.81
N ASN A 416 22.08 16.76 28.15
CA ASN A 416 22.27 16.10 29.45
C ASN A 416 21.88 17.00 30.61
N ILE A 417 20.88 17.84 30.39
CA ILE A 417 20.39 18.75 31.44
C ILE A 417 19.00 18.35 31.87
N LYS A 418 18.83 18.23 33.19
CA LYS A 418 17.48 18.07 33.78
C LYS A 418 16.86 19.43 34.09
N VAL A 419 15.55 19.46 34.27
CA VAL A 419 14.92 20.70 34.71
C VAL A 419 14.27 20.47 36.06
N ASP A 420 14.48 21.42 36.97
CA ASP A 420 14.01 21.22 38.33
C ASP A 420 12.52 21.38 38.32
N GLU A 421 11.84 20.24 38.28
CA GLU A 421 10.40 20.20 38.15
C GLU A 421 9.69 20.63 39.42
N ALA A 422 10.33 20.42 40.57
CA ALA A 422 9.76 20.87 41.83
C ALA A 422 9.67 22.40 41.86
N GLY A 423 10.70 23.06 41.34
CA GLY A 423 10.72 24.52 41.28
C GLY A 423 9.69 25.08 40.32
N PHE A 424 9.57 24.44 39.16
CA PHE A 424 8.54 24.82 38.20
C PHE A 424 7.16 24.74 38.85
N GLU A 425 6.92 23.65 39.57
CA GLU A 425 5.67 23.45 40.29
C GLU A 425 5.43 24.54 41.33
N ALA A 426 6.49 24.88 42.06
CA ALA A 426 6.42 25.91 43.08
C ALA A 426 6.09 27.26 42.45
N ALA A 427 6.79 27.60 41.38
CA ALA A 427 6.58 28.85 40.67
C ALA A 427 5.15 28.92 40.10
N MET A 428 4.68 27.79 39.59
CA MET A 428 3.33 27.71 39.03
C MET A 428 2.27 27.89 40.11
N GLU A 429 2.48 27.26 41.26
CA GLU A 429 1.54 27.36 42.38
C GLU A 429 1.56 28.77 42.98
N GLU A 430 2.72 29.41 42.96
CA GLU A 430 2.86 30.77 43.48
C GLU A 430 2.08 31.78 42.64
N GLN A 431 1.90 31.48 41.35
CA GLN A 431 1.12 32.34 40.48
C GLN A 431 -0.38 32.09 40.64
N ARG A 432 -0.74 30.84 40.89
CA ARG A 432 -2.15 30.50 41.13
C ARG A 432 -2.63 31.16 42.41
N ARG A 433 -1.73 31.29 43.38
CA ARG A 433 -2.04 31.91 44.65
C ARG A 433 -2.08 33.43 44.53
N ARG A 434 -1.28 33.98 43.63
CA ARG A 434 -1.34 35.41 43.33
C ARG A 434 -2.64 35.75 42.59
N ALA A 435 -3.04 34.84 41.69
CA ALA A 435 -4.29 35.00 40.96
C ALA A 435 -5.49 34.85 41.89
N ARG A 436 -5.35 33.99 42.90
CA ARG A 436 -6.41 33.76 43.86
C ARG A 436 -6.52 34.94 44.83
N GLU A 437 -5.38 35.47 45.24
CA GLU A 437 -5.33 36.62 46.14
C GLU A 437 -5.90 37.87 45.49
N ALA A 438 -5.40 38.19 44.30
CA ALA A 438 -5.85 39.36 43.56
C ALA A 438 -7.34 39.30 43.24
N SER A 439 -7.83 38.10 42.95
CA SER A 439 -9.22 37.89 42.59
C SER A 439 -10.10 37.63 43.82
N GLY A 440 -9.64 38.07 44.99
CA GLY A 440 -10.40 37.90 46.22
C GLY A 440 -9.61 38.29 47.46
N SER B 1 -9.93 6.75 -0.87
CA SER B 1 -10.15 5.68 -1.89
C SER B 1 -9.08 4.60 -1.80
N LYS B 2 -9.39 3.41 -2.33
CA LYS B 2 -8.46 2.28 -2.26
C LYS B 2 -7.27 2.46 -3.19
N SER B 3 -6.09 2.08 -2.68
CA SER B 3 -4.86 2.13 -3.46
C SER B 3 -4.82 0.98 -4.45
N THR B 4 -3.96 1.11 -5.47
CA THR B 4 -3.76 0.05 -6.44
C THR B 4 -3.20 -1.21 -5.77
N ALA B 5 -2.27 -1.02 -4.86
CA ALA B 5 -1.66 -2.13 -4.13
C ALA B 5 -2.67 -2.82 -3.24
N GLU B 6 -3.58 -2.04 -2.66
CA GLU B 6 -4.60 -2.58 -1.78
C GLU B 6 -5.63 -3.39 -2.57
N ILE B 7 -5.99 -2.90 -3.75
CA ILE B 7 -6.96 -3.58 -4.60
C ILE B 7 -6.44 -4.96 -5.02
N ARG B 8 -5.19 -5.00 -5.48
CA ARG B 8 -4.55 -6.26 -5.83
C ARG B 8 -4.54 -7.20 -4.63
N GLN B 9 -4.30 -6.64 -3.45
CA GLN B 9 -4.28 -7.42 -2.23
C GLN B 9 -5.68 -7.90 -1.86
N ALA B 10 -6.66 -7.01 -1.95
CA ALA B 10 -8.04 -7.35 -1.64
C ALA B 10 -8.59 -8.44 -2.57
N PHE B 11 -8.30 -8.32 -3.86
CA PHE B 11 -8.78 -9.28 -4.84
C PHE B 11 -8.27 -10.68 -4.54
N LEU B 12 -6.97 -10.79 -4.28
CA LEU B 12 -6.34 -12.07 -4.02
C LEU B 12 -6.76 -12.65 -2.67
N ASP B 13 -6.98 -11.78 -1.69
CA ASP B 13 -7.44 -12.21 -0.37
C ASP B 13 -8.86 -12.77 -0.45
N PHE B 14 -9.75 -12.00 -1.09
CA PHE B 14 -11.14 -12.41 -1.23
C PHE B 14 -11.27 -13.81 -1.79
N PHE B 15 -10.58 -14.08 -2.90
CA PHE B 15 -10.70 -15.38 -3.55
C PHE B 15 -10.00 -16.50 -2.78
N HIS B 16 -8.92 -16.17 -2.09
CA HIS B 16 -8.27 -17.15 -1.22
C HIS B 16 -9.22 -17.62 -0.12
N SER B 17 -10.06 -16.71 0.34
CA SER B 17 -11.04 -17.05 1.37
C SER B 17 -12.13 -17.95 0.83
N LYS B 18 -12.16 -18.12 -0.49
CA LYS B 18 -13.12 -18.99 -1.14
C LYS B 18 -12.47 -20.30 -1.58
N GLY B 19 -11.34 -20.62 -0.96
CA GLY B 19 -10.64 -21.87 -1.24
C GLY B 19 -9.77 -21.83 -2.48
N HIS B 20 -9.42 -20.63 -2.92
CA HIS B 20 -8.57 -20.48 -4.10
C HIS B 20 -7.09 -20.45 -3.72
N GLN B 21 -6.29 -21.20 -4.47
CA GLN B 21 -4.85 -21.18 -4.29
C GLN B 21 -4.28 -19.91 -4.89
N VAL B 22 -3.73 -19.04 -4.05
CA VAL B 22 -3.04 -17.85 -4.54
C VAL B 22 -1.75 -18.29 -5.21
N VAL B 23 -1.73 -18.19 -6.54
CA VAL B 23 -0.55 -18.59 -7.30
C VAL B 23 0.16 -17.36 -7.85
N ALA B 24 1.49 -17.36 -7.75
CA ALA B 24 2.30 -16.27 -8.26
C ALA B 24 2.03 -16.06 -9.74
N SER B 25 2.14 -14.81 -10.19
CA SER B 25 2.05 -14.49 -11.61
C SER B 25 3.13 -15.25 -12.36
N SER B 26 2.81 -15.75 -13.54
CA SER B 26 3.81 -16.43 -14.35
C SER B 26 4.66 -15.40 -15.10
N SER B 27 5.73 -15.88 -15.72
CA SER B 27 6.61 -15.00 -16.49
C SER B 27 5.87 -14.38 -17.67
N LEU B 28 6.40 -13.27 -18.18
CA LEU B 28 5.85 -12.65 -19.39
C LEU B 28 6.20 -13.51 -20.60
N VAL B 29 7.22 -14.36 -20.43
CA VAL B 29 7.58 -15.35 -21.43
C VAL B 29 6.82 -16.64 -21.14
N PRO B 30 6.02 -17.10 -22.12
CA PRO B 30 5.25 -18.32 -21.92
C PRO B 30 6.06 -19.52 -22.35
N HIS B 31 6.49 -20.31 -21.37
CA HIS B 31 7.33 -21.46 -21.61
C HIS B 31 6.60 -22.57 -22.34
N ASN B 32 5.32 -22.69 -22.03
CA ASN B 32 4.49 -23.76 -22.57
C ASN B 32 3.64 -23.40 -23.79
N ASP B 33 3.85 -22.20 -24.34
CA ASP B 33 3.24 -21.90 -25.63
C ASP B 33 4.30 -21.21 -26.49
N PRO B 34 4.58 -21.78 -27.68
CA PRO B 34 5.59 -21.20 -28.53
C PRO B 34 4.94 -20.36 -29.61
N THR B 35 3.62 -20.44 -29.68
CA THR B 35 2.83 -19.68 -30.64
C THR B 35 2.34 -18.38 -30.01
N LEU B 36 3.03 -17.96 -28.95
CA LEU B 36 2.66 -16.75 -28.23
C LEU B 36 3.89 -15.90 -27.97
N LEU B 37 3.79 -14.60 -28.27
CA LEU B 37 4.91 -13.68 -28.08
C LEU B 37 5.18 -13.45 -26.61
N PHE B 38 4.19 -12.90 -25.91
CA PHE B 38 4.28 -12.66 -24.47
C PHE B 38 2.97 -13.07 -23.80
N THR B 39 3.05 -13.37 -22.51
CA THR B 39 1.86 -13.65 -21.72
C THR B 39 0.90 -12.49 -21.82
N ASN B 40 -0.33 -12.75 -22.24
CA ASN B 40 -1.33 -11.69 -22.38
C ASN B 40 -2.62 -11.95 -21.61
N ALA B 41 -2.65 -13.06 -20.87
CA ALA B 41 -3.81 -13.40 -20.05
C ALA B 41 -3.39 -14.27 -18.86
N GLY B 42 -4.24 -14.29 -17.83
CA GLY B 42 -3.94 -15.04 -16.62
C GLY B 42 -4.03 -16.54 -16.77
N MET B 43 -4.82 -16.99 -17.75
CA MET B 43 -5.04 -18.42 -17.96
C MET B 43 -3.86 -19.10 -18.65
N ASN B 44 -2.98 -18.31 -19.25
CA ASN B 44 -1.85 -18.86 -20.00
C ASN B 44 -1.10 -19.95 -19.24
N GLN B 45 -0.80 -19.70 -17.97
CA GLN B 45 -0.06 -20.66 -17.14
C GLN B 45 -0.93 -21.86 -16.77
N PHE B 46 -2.23 -21.74 -16.98
CA PHE B 46 -3.16 -22.81 -16.65
C PHE B 46 -3.79 -23.43 -17.87
N LYS B 47 -3.17 -23.18 -19.02
CA LYS B 47 -3.72 -23.59 -20.29
C LYS B 47 -3.92 -25.11 -20.35
N ASP B 48 -2.90 -25.84 -19.91
CA ASP B 48 -2.93 -27.29 -19.98
C ASP B 48 -3.92 -27.89 -19.00
N VAL B 49 -4.08 -27.25 -17.85
CA VAL B 49 -5.04 -27.67 -16.86
C VAL B 49 -6.45 -27.58 -17.43
N PHE B 50 -6.69 -26.52 -18.19
CA PHE B 50 -7.98 -26.33 -18.82
C PHE B 50 -8.21 -27.34 -19.93
N LEU B 51 -7.12 -27.77 -20.55
CA LEU B 51 -7.20 -28.72 -21.65
C LEU B 51 -7.44 -30.16 -21.20
N GLY B 52 -6.93 -30.51 -20.03
CA GLY B 52 -6.85 -31.97 -19.68
C GLY B 52 -5.47 -32.27 -19.10
N LEU B 53 -4.44 -31.95 -19.87
CA LEU B 53 -3.11 -32.49 -19.61
C LEU B 53 -2.60 -32.23 -18.19
N ASP B 54 -2.84 -31.04 -17.66
CA ASP B 54 -2.36 -30.75 -16.32
C ASP B 54 -3.49 -30.58 -15.31
N LYS B 55 -3.37 -31.26 -14.18
CA LYS B 55 -4.24 -31.01 -13.03
C LYS B 55 -3.40 -30.92 -11.76
N ARG B 56 -3.85 -30.12 -10.81
CA ARG B 56 -2.99 -29.73 -9.71
C ARG B 56 -3.61 -29.93 -8.35
N ASN B 57 -2.80 -29.73 -7.33
CA ASN B 57 -3.24 -29.96 -5.97
C ASN B 57 -4.43 -29.07 -5.63
N TYR B 58 -4.43 -27.86 -6.21
CA TYR B 58 -5.63 -27.02 -6.11
C TYR B 58 -6.61 -27.31 -7.25
N SER B 59 -7.88 -27.05 -7.01
CA SER B 59 -8.87 -27.07 -8.09
C SER B 59 -9.41 -25.66 -8.32
N ARG B 60 -8.92 -24.73 -7.50
CA ARG B 60 -9.29 -23.33 -7.62
C ARG B 60 -8.03 -22.49 -7.49
N ALA B 61 -7.94 -21.41 -8.28
CA ALA B 61 -6.76 -20.57 -8.25
C ALA B 61 -7.11 -19.09 -8.44
N THR B 62 -6.20 -18.23 -8.00
CA THR B 62 -6.33 -16.79 -8.20
C THR B 62 -4.95 -16.17 -8.38
N THR B 63 -4.85 -15.23 -9.32
CA THR B 63 -3.57 -14.61 -9.65
C THR B 63 -3.71 -13.14 -10.03
N SER B 64 -2.63 -12.40 -9.87
CA SER B 64 -2.51 -11.07 -10.45
C SER B 64 -1.46 -11.15 -11.54
N GLN B 65 -1.87 -11.59 -12.72
CA GLN B 65 -0.95 -11.89 -13.81
C GLN B 65 -0.52 -10.63 -14.55
N ARG B 66 0.79 -10.43 -14.65
CA ARG B 66 1.30 -9.35 -15.46
C ARG B 66 1.25 -9.77 -16.93
N CYS B 67 0.69 -8.90 -17.76
CA CYS B 67 0.51 -9.20 -19.17
C CYS B 67 1.15 -8.12 -20.01
N VAL B 68 1.53 -8.48 -21.22
CA VAL B 68 1.96 -7.49 -22.19
C VAL B 68 1.27 -7.74 -23.51
N ARG B 69 0.57 -6.73 -24.02
CA ARG B 69 0.11 -6.84 -25.40
C ARG B 69 0.93 -5.92 -26.29
N ALA B 70 1.91 -6.52 -26.96
CA ALA B 70 2.59 -5.86 -28.07
C ALA B 70 2.74 -6.78 -29.29
N GLY B 71 1.97 -7.85 -29.38
CA GLY B 71 2.02 -8.73 -30.53
C GLY B 71 0.66 -9.17 -30.97
N GLY B 72 0.45 -9.19 -32.28
CA GLY B 72 -0.87 -9.46 -32.80
C GLY B 72 -0.94 -10.80 -32.23
N LYS B 73 -2.10 -11.23 -31.80
CA LYS B 73 -3.36 -10.64 -32.10
C LYS B 73 -3.80 -9.65 -31.08
N HIS B 74 -2.95 -9.34 -30.12
CA HIS B 74 -3.31 -8.34 -29.14
C HIS B 74 -2.25 -7.27 -28.98
N ASN B 75 -2.19 -6.31 -29.89
CA ASN B 75 -1.14 -5.32 -29.80
C ASN B 75 -1.74 -3.96 -29.50
N ASP B 76 -1.29 -3.33 -28.42
CA ASP B 76 -1.84 -2.05 -28.02
C ASP B 76 -0.79 -0.97 -28.02
N LEU B 77 0.42 -1.34 -28.44
CA LEU B 77 1.52 -0.39 -28.46
C LEU B 77 1.12 0.94 -29.09
N GLU B 78 0.53 0.89 -30.28
CA GLU B 78 0.21 2.09 -31.03
C GLU B 78 -0.92 2.90 -30.40
N ASN B 79 -1.65 2.31 -29.46
CA ASN B 79 -2.70 3.01 -28.75
C ASN B 79 -2.21 3.68 -27.47
N VAL B 80 -1.02 3.30 -27.02
CA VAL B 80 -0.47 3.80 -25.76
C VAL B 80 -0.19 5.30 -25.80
N GLY B 81 -0.83 6.04 -24.91
CA GLY B 81 -0.66 7.49 -24.84
C GLY B 81 -1.82 8.23 -25.47
N TYR B 82 -2.60 7.52 -26.27
CA TYR B 82 -3.69 8.15 -27.03
C TYR B 82 -5.07 7.81 -26.47
N THR B 83 -5.13 6.80 -25.61
CA THR B 83 -6.39 6.42 -24.98
C THR B 83 -6.21 6.29 -23.48
N ALA B 84 -7.32 6.32 -22.75
CA ALA B 84 -7.28 6.27 -21.29
C ALA B 84 -7.11 4.83 -20.77
N ARG B 85 -7.19 3.85 -21.67
CA ARG B 85 -7.35 2.47 -21.24
C ARG B 85 -6.33 1.48 -21.82
N HIS B 86 -5.43 1.95 -22.67
CA HIS B 86 -4.49 1.04 -23.34
C HIS B 86 -3.09 1.06 -22.77
N HIS B 87 -2.58 -0.14 -22.49
CA HIS B 87 -1.22 -0.31 -22.00
C HIS B 87 -0.52 -1.40 -22.81
N THR B 88 0.80 -1.42 -22.71
CA THR B 88 1.55 -2.58 -23.15
C THR B 88 1.55 -3.54 -21.96
N PHE B 89 2.26 -3.16 -20.90
CA PHE B 89 2.27 -3.91 -19.66
C PHE B 89 1.05 -3.55 -18.82
N PHE B 90 0.35 -4.55 -18.31
CA PHE B 90 -0.75 -4.33 -17.38
C PHE B 90 -1.02 -5.59 -16.55
N GLU B 91 -1.67 -5.40 -15.41
CA GLU B 91 -1.99 -6.53 -14.53
C GLU B 91 -3.42 -7.00 -14.70
N MET B 92 -3.59 -8.32 -14.80
CA MET B 92 -4.91 -8.93 -14.96
C MET B 92 -5.27 -9.76 -13.74
N LEU B 93 -6.33 -9.34 -13.03
CA LEU B 93 -6.82 -10.07 -11.88
C LEU B 93 -7.80 -11.15 -12.32
N GLY B 94 -7.54 -12.39 -11.94
CA GLY B 94 -8.41 -13.49 -12.34
C GLY B 94 -8.65 -14.56 -11.31
N ASN B 95 -9.83 -15.16 -11.38
CA ASN B 95 -10.13 -16.36 -10.61
C ASN B 95 -10.46 -17.51 -11.54
N PHE B 96 -10.01 -18.71 -11.18
CA PHE B 96 -10.18 -19.86 -12.03
C PHE B 96 -10.75 -21.04 -11.27
N SER B 97 -11.58 -21.84 -11.95
CA SER B 97 -11.88 -23.17 -11.46
C SER B 97 -11.58 -24.17 -12.56
N PHE B 98 -10.86 -25.21 -12.18
CA PHE B 98 -10.54 -26.30 -13.10
C PHE B 98 -11.48 -27.45 -12.83
N GLY B 99 -12.63 -27.42 -13.49
CA GLY B 99 -13.63 -28.45 -13.28
C GLY B 99 -14.07 -28.45 -11.83
N ASP B 100 -14.04 -27.28 -11.20
CA ASP B 100 -14.53 -27.15 -9.84
C ASP B 100 -15.91 -26.49 -9.90
N TYR B 101 -16.01 -25.22 -9.49
CA TYR B 101 -17.27 -24.50 -9.64
C TYR B 101 -17.47 -24.01 -11.07
N PHE B 102 -18.66 -23.46 -11.30
CA PHE B 102 -19.09 -23.09 -12.64
C PHE B 102 -19.98 -21.85 -12.54
N LYS B 103 -20.92 -21.69 -13.47
CA LYS B 103 -21.53 -20.37 -13.70
C LYS B 103 -22.05 -19.71 -12.44
N LEU B 104 -22.71 -20.49 -11.59
CA LEU B 104 -23.37 -19.96 -10.41
C LEU B 104 -22.42 -19.31 -9.40
N ASP B 105 -21.38 -20.03 -9.00
CA ASP B 105 -20.41 -19.49 -8.05
C ASP B 105 -19.57 -18.38 -8.66
N ALA B 106 -19.20 -18.56 -9.93
CA ALA B 106 -18.36 -17.60 -10.64
C ALA B 106 -18.90 -16.17 -10.54
N ILE B 107 -20.19 -15.99 -10.84
CA ILE B 107 -20.76 -14.65 -10.84
C ILE B 107 -21.19 -14.19 -9.45
N LEU B 108 -21.46 -15.15 -8.56
CA LEU B 108 -21.77 -14.79 -7.18
C LEU B 108 -20.54 -14.20 -6.51
N PHE B 109 -19.39 -14.86 -6.70
CA PHE B 109 -18.13 -14.34 -6.19
C PHE B 109 -17.86 -12.95 -6.76
N ALA B 110 -18.12 -12.79 -8.06
CA ALA B 110 -17.88 -11.52 -8.75
C ALA B 110 -18.75 -10.41 -8.19
N TRP B 111 -20.03 -10.72 -7.98
CA TRP B 111 -20.97 -9.74 -7.45
C TRP B 111 -20.57 -9.33 -6.03
N LEU B 112 -20.23 -10.31 -5.22
CA LEU B 112 -19.85 -10.06 -3.83
C LEU B 112 -18.66 -9.09 -3.74
N LEU B 113 -17.59 -9.38 -4.49
CA LEU B 113 -16.39 -8.55 -4.46
C LEU B 113 -16.62 -7.14 -4.98
N LEU B 114 -17.45 -7.01 -6.02
CA LEU B 114 -17.70 -5.71 -6.64
C LEU B 114 -18.57 -4.81 -5.79
N THR B 115 -19.48 -5.43 -5.04
CA THR B 115 -20.65 -4.74 -4.56
C THR B 115 -20.63 -4.61 -3.06
N SER B 116 -19.92 -5.52 -2.40
CA SER B 116 -19.91 -5.57 -0.95
C SER B 116 -19.16 -4.38 -0.38
N GLU B 117 -19.51 -4.01 0.85
CA GLU B 117 -18.79 -2.93 1.51
C GLU B 117 -17.42 -3.37 2.03
N LYS B 118 -17.28 -4.67 2.28
CA LYS B 118 -16.00 -5.22 2.70
C LYS B 118 -14.96 -5.05 1.59
N TRP B 119 -15.44 -5.10 0.35
CA TRP B 119 -14.57 -5.05 -0.82
C TRP B 119 -14.75 -3.73 -1.56
N PHE B 120 -14.73 -3.75 -2.89
CA PHE B 120 -15.05 -2.54 -3.63
C PHE B 120 -16.49 -2.27 -3.26
N ALA B 121 -16.95 -1.03 -3.34
CA ALA B 121 -18.35 -0.82 -2.98
C ALA B 121 -19.08 -0.12 -4.09
N LEU B 122 -19.09 -0.76 -5.26
CA LEU B 122 -19.72 -0.15 -6.41
C LEU B 122 -21.21 -0.16 -6.19
N PRO B 123 -21.84 0.99 -6.45
CA PRO B 123 -23.28 1.13 -6.50
C PRO B 123 -23.85 0.07 -7.42
N LYS B 124 -24.85 -0.65 -6.95
CA LYS B 124 -25.48 -1.64 -7.79
C LYS B 124 -26.00 -0.94 -9.02
N GLU B 125 -26.61 0.23 -8.81
CA GLU B 125 -27.39 0.88 -9.86
C GLU B 125 -26.56 1.17 -11.09
N ARG B 126 -25.22 1.23 -10.88
CA ARG B 126 -24.30 1.46 -12.01
C ARG B 126 -23.88 0.25 -12.86
N LEU B 127 -23.85 -0.94 -12.26
CA LEU B 127 -23.32 -2.09 -13.00
C LEU B 127 -24.26 -2.60 -14.10
N TRP B 128 -23.67 -2.97 -15.23
CA TRP B 128 -24.40 -3.58 -16.34
C TRP B 128 -23.76 -4.92 -16.70
N VAL B 129 -24.60 -5.90 -17.04
CA VAL B 129 -24.13 -7.24 -17.38
C VAL B 129 -24.54 -7.62 -18.79
N THR B 130 -23.61 -8.23 -19.53
CA THR B 130 -23.92 -8.78 -20.85
C THR B 130 -23.71 -10.29 -20.85
N VAL B 131 -24.68 -11.01 -21.38
CA VAL B 131 -24.57 -12.47 -21.51
C VAL B 131 -24.77 -12.90 -22.96
N TYR B 132 -24.32 -14.10 -23.28
CA TYR B 132 -24.53 -14.66 -24.61
C TYR B 132 -26.00 -15.00 -24.80
N GLU B 133 -26.53 -14.70 -25.98
CA GLU B 133 -27.97 -14.86 -26.25
C GLU B 133 -28.53 -16.24 -25.91
N SER B 134 -27.76 -17.29 -26.19
CA SER B 134 -28.23 -18.65 -25.93
C SER B 134 -27.97 -19.09 -24.48
N ASP B 135 -27.19 -18.30 -23.76
CA ASP B 135 -26.84 -18.62 -22.38
C ASP B 135 -27.89 -18.10 -21.40
N ASP B 136 -29.04 -18.76 -21.36
CA ASP B 136 -30.10 -18.39 -20.42
C ASP B 136 -29.79 -18.86 -19.00
N GLU B 137 -28.82 -19.76 -18.88
CA GLU B 137 -28.37 -20.20 -17.56
C GLU B 137 -27.72 -19.04 -16.81
N ALA B 138 -26.82 -18.34 -17.50
CA ALA B 138 -26.17 -17.17 -16.92
C ALA B 138 -27.17 -16.04 -16.75
N TYR B 139 -28.03 -15.85 -17.75
CA TYR B 139 -29.00 -14.78 -17.70
C TYR B 139 -29.85 -14.98 -16.45
N GLU B 140 -30.22 -16.23 -16.21
CA GLU B 140 -31.07 -16.56 -15.09
C GLU B 140 -30.39 -16.28 -13.76
N ILE B 141 -29.14 -16.74 -13.62
CA ILE B 141 -28.44 -16.52 -12.37
C ILE B 141 -28.48 -15.04 -12.03
N TRP B 142 -28.12 -14.21 -13.00
CA TRP B 142 -28.06 -12.77 -12.79
C TRP B 142 -29.41 -12.22 -12.36
N GLU B 143 -30.48 -12.74 -12.96
CA GLU B 143 -31.84 -12.28 -12.68
C GLU B 143 -32.38 -12.77 -11.34
N LYS B 144 -32.05 -14.01 -11.00
CA LYS B 144 -32.78 -14.71 -9.96
C LYS B 144 -31.97 -14.88 -8.68
N GLU B 145 -30.72 -15.30 -8.84
CA GLU B 145 -29.85 -15.47 -7.69
C GLU B 145 -29.24 -14.15 -7.27
N VAL B 146 -28.72 -13.39 -8.23
CA VAL B 146 -28.12 -12.08 -7.95
C VAL B 146 -29.19 -11.02 -7.76
N GLY B 147 -30.29 -11.15 -8.49
CA GLY B 147 -31.40 -10.21 -8.39
C GLY B 147 -31.04 -8.89 -9.05
N ILE B 148 -30.97 -8.91 -10.37
CA ILE B 148 -30.58 -7.74 -11.12
C ILE B 148 -31.69 -7.50 -12.12
N PRO B 149 -32.01 -6.23 -12.37
CA PRO B 149 -33.02 -5.87 -13.36
C PRO B 149 -32.73 -6.41 -14.74
N ARG B 150 -33.78 -6.92 -15.39
CA ARG B 150 -33.71 -7.41 -16.75
C ARG B 150 -33.25 -6.27 -17.63
N GLU B 151 -33.69 -5.07 -17.31
CA GLU B 151 -33.42 -3.91 -18.15
C GLU B 151 -31.91 -3.73 -18.32
N ARG B 152 -31.15 -4.21 -17.33
CA ARG B 152 -29.69 -4.09 -17.41
C ARG B 152 -28.91 -5.38 -17.67
N ILE B 153 -29.61 -6.44 -18.10
CA ILE B 153 -28.93 -7.62 -18.63
C ILE B 153 -29.06 -7.58 -20.15
N ILE B 154 -27.94 -7.48 -20.85
CA ILE B 154 -27.96 -7.33 -22.30
C ILE B 154 -27.54 -8.59 -23.04
N ARG B 155 -28.45 -9.13 -23.83
CA ARG B 155 -28.17 -10.33 -24.62
C ARG B 155 -27.27 -10.00 -25.81
N ILE B 156 -26.26 -10.82 -26.02
CA ILE B 156 -25.32 -10.63 -27.12
C ILE B 156 -25.07 -11.92 -27.90
N GLY B 157 -24.63 -11.72 -29.14
CA GLY B 157 -24.87 -12.82 -30.18
C GLY B 157 -23.64 -12.71 -31.05
N ASP B 158 -23.55 -13.55 -32.07
CA ASP B 158 -22.31 -13.63 -32.82
C ASP B 158 -22.17 -12.35 -33.62
N ASN B 159 -22.03 -11.25 -32.90
CA ASN B 159 -21.97 -9.93 -33.52
C ASN B 159 -20.71 -9.72 -34.35
N LYS B 160 -19.60 -10.35 -33.94
CA LYS B 160 -18.36 -10.23 -34.68
C LYS B 160 -18.53 -10.79 -36.10
N GLY B 161 -19.61 -11.54 -36.29
CA GLY B 161 -20.07 -11.76 -37.70
C GLY B 161 -20.41 -13.20 -37.94
N ALA B 162 -19.37 -14.02 -38.01
CA ALA B 162 -19.50 -15.46 -38.19
C ALA B 162 -20.14 -16.09 -36.96
N PRO B 163 -20.57 -17.36 -37.08
CA PRO B 163 -21.12 -18.11 -35.94
C PRO B 163 -20.10 -18.31 -34.83
N TYR B 164 -20.50 -18.00 -33.60
CA TYR B 164 -19.64 -18.11 -32.41
C TYR B 164 -18.52 -17.06 -32.38
N ALA B 165 -18.61 -16.09 -33.28
CA ALA B 165 -17.71 -14.94 -33.25
C ALA B 165 -18.41 -13.81 -32.52
N SER B 166 -18.16 -13.70 -31.22
CA SER B 166 -18.91 -12.77 -30.38
C SER B 166 -18.06 -12.18 -29.25
N ASP B 167 -18.52 -11.06 -28.71
CA ASP B 167 -17.90 -10.49 -27.52
C ASP B 167 -18.22 -11.36 -26.31
N ASN B 168 -19.30 -12.14 -26.42
CA ASN B 168 -19.73 -13.00 -25.33
C ASN B 168 -19.62 -14.49 -25.63
N PHE B 169 -18.66 -14.85 -26.48
CA PHE B 169 -18.32 -16.26 -26.69
C PHE B 169 -16.82 -16.40 -26.88
N TRP B 170 -16.25 -17.45 -26.30
CA TRP B 170 -14.82 -17.64 -26.30
C TRP B 170 -14.41 -19.05 -26.74
N GLN B 171 -13.29 -19.13 -27.44
CA GLN B 171 -12.75 -20.40 -27.91
C GLN B 171 -11.24 -20.38 -27.75
N MET B 172 -10.70 -21.46 -27.23
CA MET B 172 -9.26 -21.56 -27.03
C MET B 172 -8.53 -21.72 -28.37
N GLY B 173 -9.19 -22.43 -29.29
CA GLY B 173 -8.66 -22.62 -30.64
C GLY B 173 -9.79 -22.99 -31.60
N ASP B 174 -9.44 -23.69 -32.67
CA ASP B 174 -10.44 -24.18 -33.61
C ASP B 174 -11.19 -25.36 -32.99
N THR B 175 -10.51 -26.11 -32.13
CA THR B 175 -11.11 -27.21 -31.39
C THR B 175 -10.71 -27.16 -29.93
N GLY B 176 -11.56 -27.68 -29.05
CA GLY B 176 -11.27 -27.73 -27.63
C GLY B 176 -12.22 -26.89 -26.81
N PRO B 177 -11.85 -26.64 -25.54
CA PRO B 177 -12.67 -25.90 -24.59
C PRO B 177 -13.20 -24.60 -25.18
N CYS B 178 -14.49 -24.34 -24.95
CA CYS B 178 -15.15 -23.13 -25.43
C CYS B 178 -16.46 -22.93 -24.70
N GLY B 179 -17.09 -21.78 -24.92
CA GLY B 179 -18.36 -21.49 -24.28
C GLY B 179 -18.68 -20.01 -24.21
N PRO B 180 -19.87 -19.68 -23.69
CA PRO B 180 -20.34 -18.30 -23.57
C PRO B 180 -19.61 -17.53 -22.49
N CYS B 181 -19.66 -16.21 -22.57
CA CYS B 181 -19.01 -15.34 -21.60
C CYS B 181 -19.98 -14.31 -21.06
N THR B 182 -19.66 -13.75 -19.91
CA THR B 182 -20.43 -12.64 -19.36
C THR B 182 -19.50 -11.53 -18.89
N GLU B 183 -19.78 -10.30 -19.30
CA GLU B 183 -18.96 -9.17 -18.94
C GLU B 183 -19.71 -8.19 -18.06
N ILE B 184 -18.99 -7.54 -17.16
CA ILE B 184 -19.58 -6.55 -16.27
C ILE B 184 -19.07 -5.15 -16.60
N PHE B 185 -20.00 -4.23 -16.84
CA PHE B 185 -19.65 -2.85 -17.16
C PHE B 185 -20.01 -1.91 -16.02
N TYR B 186 -19.23 -0.84 -15.86
CA TYR B 186 -19.53 0.17 -14.86
C TYR B 186 -19.85 1.50 -15.55
N ASP B 187 -20.94 2.13 -15.13
CA ASP B 187 -21.38 3.39 -15.71
C ASP B 187 -20.73 4.58 -15.00
N HIS B 188 -20.03 5.42 -15.76
CA HIS B 188 -19.43 6.63 -15.22
C HIS B 188 -20.50 7.62 -14.78
N ARG B 206 -17.69 5.91 -21.32
CA ARG B 206 -18.56 6.01 -20.15
C ARG B 206 -18.79 4.65 -19.48
N TYR B 207 -19.41 3.73 -20.21
CA TYR B 207 -19.56 2.37 -19.74
C TYR B 207 -18.28 1.60 -20.05
N ILE B 208 -17.53 1.24 -19.02
CA ILE B 208 -16.25 0.55 -19.26
C ILE B 208 -16.26 -0.89 -18.77
N GLU B 209 -15.63 -1.77 -19.54
CA GLU B 209 -15.50 -3.18 -19.17
C GLU B 209 -14.69 -3.30 -17.89
N ILE B 210 -15.23 -4.05 -16.93
CA ILE B 210 -14.60 -4.19 -15.63
C ILE B 210 -14.15 -5.64 -15.39
N TRP B 211 -14.98 -6.59 -15.82
CA TRP B 211 -14.73 -7.99 -15.52
C TRP B 211 -15.28 -8.88 -16.63
N ASN B 212 -14.40 -9.68 -17.23
CA ASN B 212 -14.81 -10.67 -18.22
C ASN B 212 -14.76 -12.07 -17.59
N ILE B 213 -15.84 -12.83 -17.77
CA ILE B 213 -15.93 -14.17 -17.18
C ILE B 213 -16.22 -15.25 -18.23
N VAL B 214 -15.19 -16.04 -18.55
CA VAL B 214 -15.31 -17.07 -19.56
C VAL B 214 -15.77 -18.39 -18.95
N PHE B 215 -16.86 -18.94 -19.48
CA PHE B 215 -17.32 -20.27 -19.09
C PHE B 215 -16.93 -21.29 -20.14
N MET B 216 -16.15 -22.29 -19.74
CA MET B 216 -15.75 -23.35 -20.66
C MET B 216 -16.73 -24.53 -20.56
N GLN B 217 -17.83 -24.44 -21.31
CA GLN B 217 -18.88 -25.46 -21.25
C GLN B 217 -18.63 -26.65 -22.17
N PHE B 218 -18.09 -26.37 -23.36
CA PHE B 218 -18.06 -27.37 -24.42
C PHE B 218 -16.66 -27.71 -24.89
N ASN B 219 -16.54 -28.87 -25.52
CA ASN B 219 -15.32 -29.26 -26.21
C ASN B 219 -15.62 -29.41 -27.69
N ARG B 220 -15.38 -28.35 -28.46
CA ARG B 220 -15.66 -28.38 -29.89
C ARG B 220 -14.79 -29.41 -30.60
N GLN B 221 -15.45 -30.37 -31.24
CA GLN B 221 -14.75 -31.43 -31.95
C GLN B 221 -14.24 -30.95 -33.31
N ALA B 222 -13.40 -31.76 -33.94
CA ALA B 222 -12.79 -31.41 -35.22
C ALA B 222 -13.82 -31.12 -36.31
N ASP B 223 -15.02 -31.68 -36.16
CA ASP B 223 -16.07 -31.50 -37.15
C ASP B 223 -17.01 -30.35 -36.80
N GLY B 224 -16.81 -29.75 -35.63
CA GLY B 224 -17.63 -28.63 -35.19
C GLY B 224 -18.66 -29.00 -34.14
N THR B 225 -18.73 -30.29 -33.82
CA THR B 225 -19.66 -30.79 -32.82
C THR B 225 -19.30 -30.26 -31.43
N MET B 226 -20.30 -29.77 -30.71
CA MET B 226 -20.10 -29.20 -29.38
C MET B 226 -20.38 -30.22 -28.28
N GLU B 227 -19.37 -31.01 -27.94
CA GLU B 227 -19.51 -31.96 -26.83
C GLU B 227 -19.48 -31.22 -25.49
N PRO B 228 -20.62 -31.21 -24.78
CA PRO B 228 -20.68 -30.56 -23.47
C PRO B 228 -19.65 -31.16 -22.53
N LEU B 229 -18.86 -30.32 -21.86
CA LEU B 229 -17.85 -30.79 -20.93
C LEU B 229 -18.51 -31.45 -19.71
N PRO B 230 -18.09 -32.68 -19.40
CA PRO B 230 -18.67 -33.48 -18.32
C PRO B 230 -18.70 -32.71 -17.01
N LYS B 231 -17.69 -31.88 -16.80
CA LYS B 231 -17.65 -30.97 -15.65
C LYS B 231 -16.69 -29.83 -15.98
N PRO B 232 -17.25 -28.66 -16.29
CA PRO B 232 -16.58 -27.55 -16.97
C PRO B 232 -15.80 -26.61 -16.06
N SER B 233 -15.25 -25.55 -16.64
CA SER B 233 -14.34 -24.66 -15.94
C SER B 233 -14.71 -23.19 -16.06
N VAL B 234 -13.98 -22.36 -15.34
CA VAL B 234 -14.21 -20.92 -15.33
C VAL B 234 -12.89 -20.18 -15.42
N ASP B 235 -12.88 -19.12 -16.22
CA ASP B 235 -11.71 -18.25 -16.32
C ASP B 235 -12.20 -16.82 -16.38
N THR B 236 -11.75 -16.00 -15.44
CA THR B 236 -12.18 -14.61 -15.39
C THR B 236 -11.00 -13.66 -15.52
N ALA B 237 -11.30 -12.43 -15.93
CA ALA B 237 -10.27 -11.44 -16.16
C ALA B 237 -10.74 -10.04 -15.77
N MET B 238 -10.02 -9.45 -14.83
CA MET B 238 -10.27 -8.06 -14.43
C MET B 238 -8.98 -7.26 -14.50
N GLY B 239 -9.02 -6.16 -15.23
CA GLY B 239 -7.88 -5.25 -15.30
C GLY B 239 -7.72 -4.48 -14.02
N LEU B 240 -6.51 -4.49 -13.47
CA LEU B 240 -6.25 -3.84 -12.19
C LEU B 240 -6.31 -2.32 -12.32
N GLU B 241 -5.75 -1.80 -13.42
CA GLU B 241 -5.73 -0.36 -13.67
C GLU B 241 -7.12 0.18 -13.94
N ARG B 242 -7.93 -0.59 -14.68
CA ARG B 242 -9.30 -0.20 -15.00
C ARG B 242 -10.12 0.01 -13.74
N ILE B 243 -10.11 -0.98 -12.85
CA ILE B 243 -10.91 -0.93 -11.63
C ILE B 243 -10.34 0.09 -10.63
N ALA B 244 -9.03 0.29 -10.68
CA ALA B 244 -8.38 1.29 -9.83
C ALA B 244 -8.83 2.69 -10.23
N ALA B 245 -9.01 2.90 -11.52
CA ALA B 245 -9.48 4.18 -12.04
C ALA B 245 -10.91 4.45 -11.60
N VAL B 246 -11.69 3.39 -11.47
CA VAL B 246 -13.08 3.49 -11.03
C VAL B 246 -13.14 3.73 -9.53
N LEU B 247 -12.32 3.00 -8.79
CA LEU B 247 -12.32 3.09 -7.33
C LEU B 247 -11.66 4.37 -6.81
N GLN B 248 -10.86 5.01 -7.66
CA GLN B 248 -10.19 6.25 -7.29
C GLN B 248 -10.86 7.46 -7.92
N HIS B 249 -11.96 7.21 -8.63
CA HIS B 249 -12.81 8.27 -9.17
C HIS B 249 -12.17 9.12 -10.26
N VAL B 250 -11.26 8.54 -11.02
CA VAL B 250 -10.60 9.24 -12.12
C VAL B 250 -11.03 8.67 -13.46
N ASN B 251 -10.77 9.41 -14.54
CA ASN B 251 -11.18 9.00 -15.87
C ASN B 251 -10.15 8.11 -16.58
N SER B 252 -8.88 8.49 -16.47
CA SER B 252 -7.81 7.78 -17.15
C SER B 252 -7.12 6.78 -16.21
N ASN B 253 -6.64 5.68 -16.77
CA ASN B 253 -5.86 4.72 -16.01
C ASN B 253 -4.54 5.35 -15.57
N TYR B 254 -4.12 6.39 -16.28
CA TYR B 254 -2.87 7.09 -15.98
C TYR B 254 -3.06 8.12 -14.88
N ASP B 255 -4.26 8.17 -14.31
CA ASP B 255 -4.55 9.09 -13.21
C ASP B 255 -4.70 8.35 -11.88
N ILE B 256 -4.24 7.10 -11.84
CA ILE B 256 -4.26 6.33 -10.61
C ILE B 256 -2.96 6.53 -9.84
N ASP B 257 -3.00 6.36 -8.53
CA ASP B 257 -1.82 6.58 -7.69
C ASP B 257 -0.55 6.02 -8.32
N LEU B 258 -0.64 4.78 -8.81
CA LEU B 258 0.50 4.11 -9.43
C LEU B 258 1.15 4.97 -10.51
N PHE B 259 0.35 5.43 -11.46
CA PHE B 259 0.88 6.18 -12.60
C PHE B 259 1.21 7.63 -12.27
N ARG B 260 0.35 8.29 -11.51
CA ARG B 260 0.60 9.68 -11.12
C ARG B 260 1.99 9.81 -10.52
N THR B 261 2.34 8.90 -9.61
CA THR B 261 3.66 8.88 -9.01
C THR B 261 4.72 8.56 -10.06
N LEU B 262 4.42 7.59 -10.91
CA LEU B 262 5.37 7.14 -11.93
C LEU B 262 5.59 8.20 -13.00
N ILE B 263 4.53 8.94 -13.34
CA ILE B 263 4.63 10.01 -14.32
C ILE B 263 5.50 11.15 -13.80
N GLN B 264 5.33 11.49 -12.52
CA GLN B 264 6.14 12.52 -11.89
C GLN B 264 7.61 12.13 -11.88
N ALA B 265 7.87 10.83 -11.73
CA ALA B 265 9.23 10.32 -11.75
C ALA B 265 9.85 10.45 -13.14
N VAL B 266 8.99 10.36 -14.17
CA VAL B 266 9.44 10.53 -15.54
C VAL B 266 9.78 11.99 -15.80
N ALA B 267 9.00 12.89 -15.22
CA ALA B 267 9.20 14.32 -15.39
C ALA B 267 10.52 14.77 -14.75
N LYS B 268 10.94 14.07 -13.69
CA LYS B 268 12.18 14.40 -13.00
C LYS B 268 13.41 14.05 -13.82
N VAL B 269 13.44 12.84 -14.36
CA VAL B 269 14.61 12.36 -15.10
C VAL B 269 14.74 12.93 -16.50
N THR B 270 13.64 13.48 -17.02
CA THR B 270 13.65 14.08 -18.35
C THR B 270 13.73 15.60 -18.29
N GLY B 271 13.31 16.17 -17.16
CA GLY B 271 13.25 17.61 -17.02
C GLY B 271 12.09 18.18 -17.80
N ALA B 272 10.93 17.54 -17.68
CA ALA B 272 9.73 17.96 -18.38
C ALA B 272 8.87 18.87 -17.50
N THR B 273 7.92 19.57 -18.11
CA THR B 273 7.12 20.56 -17.39
C THR B 273 5.62 20.28 -17.43
N ASP B 274 5.13 19.81 -18.57
CA ASP B 274 3.70 19.55 -18.71
C ASP B 274 3.35 18.16 -18.23
N LEU B 275 2.95 18.05 -16.96
CA LEU B 275 2.61 16.76 -16.38
C LEU B 275 1.46 16.17 -17.18
N SER B 276 0.86 17.04 -17.98
CA SER B 276 -0.18 16.63 -18.93
C SER B 276 0.36 15.91 -20.17
N ASN B 277 1.60 16.21 -20.58
CA ASN B 277 2.14 15.72 -21.85
C ASN B 277 2.08 14.21 -22.03
N LYS B 278 1.71 13.77 -23.24
CA LYS B 278 1.52 12.35 -23.53
C LYS B 278 2.81 11.53 -23.48
N SER B 279 3.93 12.15 -23.85
CA SER B 279 5.22 11.48 -23.82
C SER B 279 5.53 10.91 -22.43
N LEU B 280 5.07 11.62 -21.41
CA LEU B 280 5.26 11.18 -20.03
C LEU B 280 4.56 9.84 -19.78
N ARG B 281 3.33 9.74 -20.27
CA ARG B 281 2.55 8.51 -20.12
C ARG B 281 3.13 7.37 -20.95
N VAL B 282 3.64 7.69 -22.13
CA VAL B 282 4.26 6.69 -22.99
C VAL B 282 5.46 6.06 -22.27
N ILE B 283 6.34 6.91 -21.75
CA ILE B 283 7.51 6.45 -21.01
C ILE B 283 7.10 5.73 -19.72
N ALA B 284 6.04 6.22 -19.09
CA ALA B 284 5.53 5.58 -17.87
C ALA B 284 5.08 4.14 -18.15
N ASP B 285 4.43 3.94 -19.29
CA ASP B 285 3.97 2.63 -19.69
C ASP B 285 5.14 1.75 -20.11
N HIS B 286 6.07 2.33 -20.87
CA HIS B 286 7.16 1.59 -21.48
C HIS B 286 8.20 1.09 -20.49
N ILE B 287 8.31 1.76 -19.34
CA ILE B 287 9.25 1.32 -18.32
C ILE B 287 8.76 0.06 -17.62
N ARG B 288 7.44 -0.10 -17.55
CA ARG B 288 6.84 -1.30 -16.95
C ARG B 288 7.13 -2.52 -17.81
N SER B 289 6.80 -2.40 -19.10
CA SER B 289 7.02 -3.48 -20.05
C SER B 289 8.49 -3.87 -20.07
N CYS B 290 9.36 -2.90 -20.35
CA CYS B 290 10.79 -3.17 -20.51
C CYS B 290 11.44 -3.73 -19.24
N ALA B 291 11.14 -3.12 -18.09
CA ALA B 291 11.73 -3.55 -16.83
C ALA B 291 11.33 -4.97 -16.45
N PHE B 292 10.04 -5.27 -16.53
CA PHE B 292 9.54 -6.60 -16.19
C PHE B 292 9.94 -7.65 -17.22
N LEU B 293 9.98 -7.26 -18.50
CA LEU B 293 10.39 -8.19 -19.54
C LEU B 293 11.82 -8.67 -19.32
N ILE B 294 12.73 -7.73 -19.06
CA ILE B 294 14.12 -8.06 -18.80
C ILE B 294 14.23 -8.90 -17.53
N ALA B 295 13.48 -8.49 -16.51
CA ALA B 295 13.41 -9.24 -15.26
C ALA B 295 12.97 -10.69 -15.51
N ASP B 296 12.17 -10.89 -16.55
CA ASP B 296 11.66 -12.21 -16.87
C ASP B 296 12.56 -13.00 -17.81
N GLY B 297 13.69 -12.41 -18.20
CA GLY B 297 14.69 -13.11 -18.99
C GLY B 297 14.82 -12.71 -20.43
N VAL B 298 14.03 -11.72 -20.86
CA VAL B 298 14.09 -11.23 -22.23
C VAL B 298 15.22 -10.22 -22.39
N MET B 299 16.19 -10.56 -23.22
CA MET B 299 17.32 -9.66 -23.50
C MET B 299 17.15 -9.01 -24.87
N PRO B 300 17.43 -7.70 -24.96
CA PRO B 300 17.31 -6.95 -26.20
C PRO B 300 18.14 -7.59 -27.32
N SER B 301 17.51 -7.80 -28.48
CA SER B 301 18.20 -8.37 -29.62
C SER B 301 17.52 -7.94 -30.93
N ASN B 302 18.00 -8.45 -32.04
CA ASN B 302 17.39 -8.18 -33.35
C ASN B 302 16.53 -9.34 -33.80
N GLU B 303 16.33 -10.28 -32.88
CA GLU B 303 15.53 -11.46 -33.14
C GLU B 303 14.28 -11.43 -32.28
N ASN B 304 13.13 -11.67 -32.91
CA ASN B 304 12.01 -12.19 -32.16
C ASN B 304 11.58 -11.30 -30.99
N ARG B 305 11.46 -11.91 -29.82
CA ARG B 305 11.03 -11.22 -28.61
C ARG B 305 11.99 -10.13 -28.21
N GLY B 306 13.28 -10.41 -28.34
CA GLY B 306 14.32 -9.47 -27.99
C GLY B 306 14.21 -8.19 -28.79
N TYR B 307 13.63 -8.29 -29.99
CA TYR B 307 13.48 -7.13 -30.84
C TYR B 307 12.30 -6.27 -30.39
N VAL B 308 11.19 -6.92 -30.08
CA VAL B 308 10.04 -6.20 -29.54
C VAL B 308 10.48 -5.38 -28.33
N LEU B 309 11.31 -5.98 -27.49
CA LEU B 309 11.86 -5.29 -26.34
C LEU B 309 12.69 -4.08 -26.76
N ARG B 310 13.63 -4.30 -27.68
CA ARG B 310 14.45 -3.22 -28.21
C ARG B 310 13.59 -2.10 -28.79
N ARG B 311 12.52 -2.48 -29.49
CA ARG B 311 11.62 -1.50 -30.09
C ARG B 311 10.97 -0.61 -29.05
N ILE B 312 10.47 -1.21 -27.97
CA ILE B 312 9.80 -0.45 -26.92
C ILE B 312 10.77 0.42 -26.16
N ILE B 313 11.97 -0.11 -25.89
CA ILE B 313 13.02 0.67 -25.24
C ILE B 313 13.36 1.92 -26.05
N ARG B 314 13.72 1.71 -27.32
CA ARG B 314 14.15 2.80 -28.18
C ARG B 314 13.05 3.83 -28.44
N ARG B 315 11.82 3.36 -28.59
CA ARG B 315 10.69 4.26 -28.76
C ARG B 315 10.51 5.13 -27.52
N ALA B 316 10.80 4.58 -26.35
CA ALA B 316 10.70 5.32 -25.10
C ALA B 316 11.82 6.34 -24.98
N VAL B 317 13.02 5.96 -25.42
CA VAL B 317 14.18 6.84 -25.38
C VAL B 317 13.97 8.04 -26.31
N ARG B 318 13.32 7.79 -27.44
CA ARG B 318 13.02 8.86 -28.38
C ARG B 318 12.07 9.87 -27.73
N HIS B 319 11.09 9.37 -26.99
CA HIS B 319 10.15 10.23 -26.27
C HIS B 319 10.85 11.05 -25.19
N GLY B 320 11.78 10.42 -24.47
CA GLY B 320 12.57 11.12 -23.46
C GLY B 320 13.39 12.23 -24.09
N ASN B 321 14.03 11.93 -25.21
CA ASN B 321 14.78 12.91 -25.98
C ASN B 321 13.93 14.13 -26.32
N MET B 322 12.70 13.89 -26.78
CA MET B 322 11.76 14.96 -27.09
C MET B 322 11.50 15.87 -25.90
N LEU B 323 11.40 15.26 -24.72
CA LEU B 323 11.05 16.00 -23.51
C LEU B 323 12.20 16.87 -23.01
N GLY B 324 13.41 16.59 -23.48
CA GLY B 324 14.58 17.37 -23.11
C GLY B 324 15.66 16.56 -22.41
N ALA B 325 15.37 15.29 -22.15
CA ALA B 325 16.33 14.41 -21.50
C ALA B 325 17.73 14.67 -22.03
N LYS B 326 18.66 14.99 -21.13
CA LYS B 326 19.99 15.41 -21.53
C LYS B 326 21.02 14.30 -21.30
N GLU B 327 20.75 13.45 -20.32
CA GLU B 327 21.63 12.32 -20.01
C GLU B 327 20.81 11.03 -19.98
N THR B 328 21.49 9.89 -20.12
CA THR B 328 20.85 8.58 -20.03
C THR B 328 19.88 8.58 -18.85
N PHE B 329 18.60 8.31 -19.11
CA PHE B 329 17.57 8.50 -18.11
C PHE B 329 16.69 7.28 -17.84
N PHE B 330 16.50 6.45 -18.86
CA PHE B 330 15.47 5.39 -18.81
C PHE B 330 15.65 4.41 -17.66
N TYR B 331 16.89 4.05 -17.36
CA TYR B 331 17.17 3.09 -16.29
C TYR B 331 16.87 3.67 -14.91
N LYS B 332 16.90 5.00 -14.80
CA LYS B 332 16.64 5.68 -13.54
C LYS B 332 15.19 5.52 -13.09
N LEU B 333 14.38 4.86 -13.91
CA LEU B 333 12.96 4.70 -13.63
C LEU B 333 12.62 3.33 -13.05
N VAL B 334 13.60 2.45 -12.98
CA VAL B 334 13.38 1.10 -12.44
C VAL B 334 13.07 1.14 -10.95
N GLY B 335 13.93 1.80 -10.19
CA GLY B 335 13.72 1.97 -8.75
C GLY B 335 12.35 2.54 -8.41
N PRO B 336 12.03 3.70 -8.99
CA PRO B 336 10.71 4.32 -8.82
C PRO B 336 9.57 3.36 -9.20
N LEU B 337 9.78 2.54 -10.23
CA LEU B 337 8.77 1.58 -10.65
C LEU B 337 8.57 0.50 -9.59
N ILE B 338 9.67 0.04 -9.00
CA ILE B 338 9.61 -0.95 -7.92
C ILE B 338 8.86 -0.41 -6.71
N ASP B 339 9.07 0.86 -6.40
CA ASP B 339 8.43 1.49 -5.24
C ASP B 339 6.90 1.52 -5.36
N VAL B 340 6.40 1.66 -6.58
CA VAL B 340 4.96 1.82 -6.79
C VAL B 340 4.21 0.52 -7.09
N MET B 341 4.97 -0.53 -7.42
CA MET B 341 4.35 -1.80 -7.82
C MET B 341 3.94 -2.67 -6.63
N GLY B 342 4.51 -2.39 -5.47
CA GLY B 342 4.19 -3.15 -4.27
C GLY B 342 4.73 -4.56 -4.32
N SER B 343 3.89 -5.53 -3.94
CA SER B 343 4.31 -6.93 -3.90
C SER B 343 4.51 -7.51 -5.30
N ALA B 344 3.83 -6.92 -6.29
CA ALA B 344 3.90 -7.39 -7.66
C ALA B 344 5.20 -6.98 -8.36
N GLY B 345 6.07 -6.28 -7.62
CA GLY B 345 7.35 -5.86 -8.16
C GLY B 345 8.50 -6.64 -7.55
N GLU B 346 8.15 -7.68 -6.79
CA GLU B 346 9.13 -8.49 -6.08
C GLU B 346 10.15 -9.10 -7.05
N ASP B 347 9.65 -9.63 -8.16
CA ASP B 347 10.50 -10.26 -9.16
C ASP B 347 11.38 -9.23 -9.86
N LEU B 348 10.89 -8.00 -9.94
CA LEU B 348 11.66 -6.91 -10.55
C LEU B 348 12.79 -6.45 -9.63
N LYS B 349 12.45 -6.19 -8.37
CA LYS B 349 13.44 -5.78 -7.38
C LYS B 349 14.51 -6.85 -7.21
N ARG B 350 14.11 -8.11 -7.32
CA ARG B 350 15.07 -9.22 -7.22
C ARG B 350 16.26 -8.94 -8.09
N GLN B 351 16.01 -8.40 -9.28
CA GLN B 351 17.08 -8.20 -10.26
C GLN B 351 17.23 -6.74 -10.67
N GLN B 352 17.02 -5.85 -9.70
CA GLN B 352 17.11 -4.41 -9.95
C GLN B 352 18.41 -3.99 -10.65
N ALA B 353 19.52 -4.59 -10.23
CA ALA B 353 20.83 -4.21 -10.75
C ALA B 353 21.01 -4.52 -12.24
N GLN B 354 20.76 -5.78 -12.62
CA GLN B 354 20.93 -6.22 -14.01
C GLN B 354 19.86 -5.65 -14.95
N VAL B 355 18.65 -5.47 -14.44
CA VAL B 355 17.59 -4.85 -15.23
C VAL B 355 17.91 -3.39 -15.56
N GLU B 356 18.60 -2.73 -14.64
CA GLU B 356 19.01 -1.35 -14.84
C GLU B 356 20.17 -1.23 -15.82
N GLN B 357 21.13 -2.16 -15.73
CA GLN B 357 22.32 -2.15 -16.57
C GLN B 357 21.97 -2.41 -18.04
N VAL B 358 21.07 -3.37 -18.26
CA VAL B 358 20.65 -3.71 -19.61
C VAL B 358 19.97 -2.52 -20.28
N LEU B 359 19.13 -1.82 -19.54
CA LEU B 359 18.46 -0.63 -20.04
C LEU B 359 19.44 0.52 -20.28
N LYS B 360 20.40 0.65 -19.38
CA LYS B 360 21.41 1.70 -19.48
C LYS B 360 22.24 1.52 -20.73
N THR B 361 22.69 0.29 -20.97
CA THR B 361 23.54 -0.02 -22.12
C THR B 361 22.77 0.13 -23.43
N GLU B 362 21.49 -0.24 -23.41
CA GLU B 362 20.67 -0.21 -24.62
C GLU B 362 20.38 1.22 -25.06
N GLU B 363 20.07 2.08 -24.09
CA GLU B 363 19.81 3.49 -24.37
C GLU B 363 21.08 4.21 -24.75
N GLU B 364 22.19 3.76 -24.18
CA GLU B 364 23.48 4.39 -24.37
C GLU B 364 23.96 4.21 -25.81
N GLN B 365 23.85 2.99 -26.31
CA GLN B 365 24.33 2.67 -27.65
C GLN B 365 23.36 3.05 -28.76
N PHE B 366 22.17 3.50 -28.37
CA PHE B 366 21.20 4.01 -29.32
C PHE B 366 21.33 5.53 -29.44
N ALA B 367 21.76 6.17 -28.36
CA ALA B 367 21.97 7.62 -28.33
C ALA B 367 23.04 8.04 -29.33
N ARG B 368 23.89 7.08 -29.70
CA ARG B 368 24.93 7.31 -30.68
C ARG B 368 24.36 7.70 -32.04
N THR B 369 23.25 7.06 -32.41
CA THR B 369 22.66 7.26 -33.73
C THR B 369 21.32 7.98 -33.67
N LEU B 370 20.86 8.30 -32.46
CA LEU B 370 19.54 8.88 -32.26
C LEU B 370 19.38 10.28 -32.86
N GLU B 371 20.31 11.18 -32.52
CA GLU B 371 20.20 12.58 -32.93
C GLU B 371 20.54 12.82 -34.40
N ARG B 372 21.59 12.17 -34.88
CA ARG B 372 21.95 12.23 -36.29
C ARG B 372 20.82 11.60 -37.13
N GLY B 373 20.11 10.66 -36.52
CA GLY B 373 18.97 10.01 -37.18
C GLY B 373 17.74 10.89 -37.21
N LEU B 374 17.43 11.51 -36.09
CA LEU B 374 16.28 12.43 -36.01
C LEU B 374 16.51 13.64 -36.91
N ALA B 375 17.78 13.99 -37.13
CA ALA B 375 18.13 15.04 -38.06
C ALA B 375 17.91 14.56 -39.49
N LEU B 376 18.35 13.34 -39.77
CA LEU B 376 18.18 12.72 -41.08
C LEU B 376 16.69 12.70 -41.45
N LEU B 377 15.86 12.33 -40.47
CA LEU B 377 14.43 12.26 -40.67
C LEU B 377 13.83 13.64 -40.95
N ASP B 378 14.39 14.67 -40.32
CA ASP B 378 13.94 16.04 -40.53
C ASP B 378 14.27 16.55 -41.93
N GLU B 379 15.47 16.26 -42.41
CA GLU B 379 15.86 16.58 -43.77
C GLU B 379 14.90 15.97 -44.79
N GLU B 380 14.57 14.70 -44.58
CA GLU B 380 13.77 13.93 -45.53
C GLU B 380 12.27 14.24 -45.47
N LEU B 381 11.81 14.74 -44.33
CA LEU B 381 10.41 15.11 -44.19
C LEU B 381 10.11 16.42 -44.92
N ALA B 382 11.16 17.17 -45.21
CA ALA B 382 11.03 18.44 -45.93
C ALA B 382 10.99 18.22 -47.43
N LYS B 383 11.72 17.22 -47.90
CA LYS B 383 11.75 16.88 -49.32
C LYS B 383 10.44 16.21 -49.72
N LEU B 384 9.45 16.29 -48.85
CA LEU B 384 8.25 15.48 -48.98
C LEU B 384 7.05 16.27 -49.49
N SER B 385 6.52 15.85 -50.62
CA SER B 385 5.22 16.33 -51.08
C SER B 385 4.16 15.49 -50.40
N GLY B 386 3.10 16.14 -49.90
CA GLY B 386 2.02 15.38 -49.26
C GLY B 386 2.43 14.77 -47.94
N ASP B 387 1.72 13.73 -47.53
CA ASP B 387 1.80 13.25 -46.15
C ASP B 387 2.43 11.86 -45.95
N THR B 388 3.09 11.32 -46.96
CA THR B 388 3.63 9.97 -46.84
C THR B 388 5.14 9.95 -46.98
N LEU B 389 5.83 9.50 -45.94
CA LEU B 389 7.28 9.33 -45.99
C LEU B 389 7.62 8.11 -46.84
N ASP B 390 8.65 8.25 -47.68
CA ASP B 390 9.09 7.17 -48.55
C ASP B 390 9.70 6.01 -47.75
N GLY B 391 9.61 4.81 -48.29
CA GLY B 391 10.15 3.63 -47.64
C GLY B 391 11.67 3.57 -47.64
N GLU B 392 12.28 4.23 -48.62
CA GLU B 392 13.75 4.27 -48.71
C GLU B 392 14.36 5.09 -47.59
N THR B 393 13.67 6.13 -47.16
CA THR B 393 14.11 6.92 -46.00
C THR B 393 13.96 6.08 -44.75
N ALA B 394 12.82 5.39 -44.63
CA ALA B 394 12.56 4.49 -43.52
C ALA B 394 13.63 3.40 -43.45
N PHE B 395 14.01 2.87 -44.60
CA PHE B 395 15.02 1.84 -44.66
C PHE B 395 16.39 2.33 -44.19
N ARG B 396 16.78 3.52 -44.66
CA ARG B 396 18.09 4.08 -44.29
C ARG B 396 18.17 4.36 -42.79
N LEU B 397 17.11 4.92 -42.23
CA LEU B 397 17.04 5.14 -40.79
C LEU B 397 17.15 3.83 -40.02
N TYR B 398 16.62 2.76 -40.61
CA TYR B 398 16.67 1.43 -40.02
C TYR B 398 18.03 0.79 -40.20
N ASP B 399 18.50 0.75 -41.44
CA ASP B 399 19.74 0.04 -41.79
C ASP B 399 20.99 0.71 -41.23
N THR B 400 21.00 2.04 -41.19
CA THR B 400 22.19 2.77 -40.79
C THR B 400 22.12 3.28 -39.35
N TYR B 401 20.96 3.81 -38.96
CA TYR B 401 20.83 4.47 -37.66
C TYR B 401 20.13 3.60 -36.61
N GLY B 402 19.81 2.37 -36.98
CA GLY B 402 19.17 1.43 -36.06
C GLY B 402 17.79 1.88 -35.62
N PHE B 403 17.07 2.56 -36.50
CA PHE B 403 15.71 3.02 -36.22
C PHE B 403 14.70 1.96 -36.67
N PRO B 404 14.11 1.22 -35.71
CA PRO B 404 13.03 0.33 -36.12
C PRO B 404 11.93 1.15 -36.78
N VAL B 405 11.45 0.69 -37.93
CA VAL B 405 10.53 1.49 -38.75
C VAL B 405 9.26 1.94 -38.03
N ASP B 406 8.82 1.16 -37.06
CA ASP B 406 7.65 1.56 -36.26
C ASP B 406 7.99 2.76 -35.37
N LEU B 407 9.25 2.87 -34.99
CA LEU B 407 9.74 4.02 -34.24
C LEU B 407 9.72 5.26 -35.14
N THR B 408 10.26 5.10 -36.35
CA THR B 408 10.20 6.14 -37.35
C THR B 408 8.77 6.57 -37.59
N ALA B 409 7.89 5.57 -37.77
CA ALA B 409 6.48 5.82 -37.99
C ALA B 409 5.84 6.56 -36.82
N ASP B 410 6.32 6.27 -35.60
CA ASP B 410 5.81 6.91 -34.40
C ASP B 410 6.16 8.40 -34.37
N VAL B 411 7.30 8.76 -34.97
CA VAL B 411 7.70 10.15 -35.07
C VAL B 411 6.85 10.89 -36.09
N CYS B 412 6.70 10.29 -37.28
CA CYS B 412 5.87 10.86 -38.33
C CYS B 412 4.43 10.99 -37.84
N ARG B 413 3.98 10.01 -37.07
CA ARG B 413 2.68 10.01 -36.42
C ARG B 413 2.39 11.35 -35.77
N GLU B 414 3.33 11.82 -34.95
CA GLU B 414 3.17 13.06 -34.19
C GLU B 414 3.09 14.28 -35.09
N ARG B 415 3.69 14.16 -36.27
CA ARG B 415 3.65 15.21 -37.28
C ARG B 415 2.62 14.89 -38.33
N ASN B 416 1.89 13.81 -38.11
CA ASN B 416 0.78 13.48 -39.00
C ASN B 416 1.21 12.96 -40.37
N ILE B 417 2.25 12.15 -40.40
CA ILE B 417 2.72 11.61 -41.66
C ILE B 417 2.71 10.09 -41.61
N LYS B 418 2.16 9.46 -42.64
CA LYS B 418 2.16 8.02 -42.73
C LYS B 418 3.47 7.53 -43.34
N VAL B 419 3.78 6.26 -43.11
CA VAL B 419 4.99 5.67 -43.68
C VAL B 419 4.64 4.68 -44.77
N ASP B 420 5.32 4.78 -45.90
CA ASP B 420 5.11 3.88 -47.03
C ASP B 420 5.66 2.49 -46.70
N GLU B 421 4.80 1.65 -46.15
CA GLU B 421 5.21 0.31 -45.71
C GLU B 421 5.71 -0.52 -46.88
N ALA B 422 4.92 -0.58 -47.95
CA ALA B 422 5.29 -1.32 -49.14
C ALA B 422 6.62 -0.83 -49.70
N GLY B 423 6.84 0.48 -49.62
CA GLY B 423 8.09 1.08 -50.07
C GLY B 423 9.28 0.63 -49.27
N PHE B 424 9.10 0.52 -47.95
CA PHE B 424 10.15 0.02 -47.07
C PHE B 424 10.49 -1.42 -47.42
N GLU B 425 9.46 -2.23 -47.62
CA GLU B 425 9.65 -3.62 -47.98
C GLU B 425 10.29 -3.70 -49.35
N ALA B 426 9.89 -2.83 -50.27
CA ALA B 426 10.49 -2.82 -51.58
C ALA B 426 11.97 -2.47 -51.44
N ALA B 427 12.24 -1.49 -50.57
CA ALA B 427 13.61 -1.08 -50.32
C ALA B 427 14.41 -2.20 -49.67
N MET B 428 13.82 -2.90 -48.70
CA MET B 428 14.51 -4.03 -48.10
C MET B 428 14.85 -5.04 -49.18
N GLU B 429 13.85 -5.39 -49.98
CA GLU B 429 14.05 -6.43 -50.96
C GLU B 429 15.04 -6.05 -52.05
N GLU B 430 14.73 -4.99 -52.84
CA GLU B 430 15.68 -4.71 -53.90
C GLU B 430 16.97 -4.58 -53.16
N GLN B 431 16.90 -3.68 -52.20
CA GLN B 431 18.11 -2.97 -51.90
C GLN B 431 19.04 -4.08 -51.59
N ARG B 432 18.57 -4.87 -50.65
CA ARG B 432 19.49 -5.29 -49.62
C ARG B 432 19.79 -6.68 -50.01
N ARG B 433 18.89 -7.24 -50.79
CA ARG B 433 19.01 -8.63 -51.12
C ARG B 433 19.95 -8.81 -52.29
N ARG B 434 19.96 -7.81 -53.16
CA ARG B 434 20.84 -7.84 -54.28
C ARG B 434 22.14 -7.09 -53.95
N ALA B 435 22.82 -7.68 -52.97
CA ALA B 435 24.24 -7.87 -53.17
C ALA B 435 24.29 -8.93 -54.27
N ARG B 436 25.08 -8.62 -55.30
CA ARG B 436 25.49 -9.58 -56.30
C ARG B 436 26.92 -9.89 -55.90
N GLU B 437 27.18 -11.18 -55.69
CA GLU B 437 28.24 -11.56 -54.72
C GLU B 437 28.08 -13.04 -54.40
N10 SSA C . -5.24 -3.11 24.45
CA SSA C . -4.14 -4.04 24.29
CB SSA C . -4.51 -4.98 23.16
OG SSA C . -5.89 -4.68 22.87
C9 SSA C . -2.92 -3.24 23.97
O9 SSA C . -3.05 -2.07 23.64
N8 SSA C . -1.74 -3.82 24.06
S1 SSA C . -0.50 -2.82 23.97
O1S SSA C . -0.71 -1.74 24.88
O2S SSA C . 0.71 -3.52 24.31
O5' SSA C . -0.40 -2.25 22.43
C5' SSA C . -0.68 -3.15 21.38
C4' SSA C . 0.43 -3.06 20.34
O4' SSA C . 0.47 -1.76 19.75
C3' SSA C . 1.81 -3.30 20.92
O3' SSA C . 2.14 -4.69 20.91
C2' SSA C . 2.70 -2.53 19.97
O2' SSA C . 3.02 -3.36 18.86
C1' SSA C . 1.82 -1.39 19.48
N9 SSA C . 2.15 -0.15 20.21
C8 SSA C . 1.81 0.13 21.48
N7 SSA C . 2.26 1.36 21.85
C5 SSA C . 2.90 1.89 20.78
C6 SSA C . 3.61 3.15 20.49
N6 SSA C . 3.72 4.12 21.43
N1 SSA C . 4.14 3.31 19.26
C2 SSA C . 4.04 2.35 18.32
N3 SSA C . 3.41 1.17 18.52
C4 SSA C . 2.82 0.89 19.70
C1 HED D . 0.71 31.94 29.55
O1 HED D . -0.19 32.89 30.08
C2 HED D . 0.33 30.55 30.09
S3 HED D . 0.51 29.28 28.80
S4 HED D . -0.97 27.90 29.08
C5 HED D . -2.18 28.60 30.25
C6 HED D . -3.03 27.50 30.87
O6 HED D . -3.85 28.05 31.88
S SO4 E . 7.32 -1.55 24.35
O1 SO4 E . 6.31 -2.35 25.06
O2 SO4 E . 8.48 -1.36 25.22
O3 SO4 E . 7.73 -2.25 23.14
O4 SO4 E . 6.74 -0.26 23.99
MG MG F . 3.40 -3.34 26.36
O1 MES G . 12.24 -17.90 -20.48
C2 MES G . 12.67 -18.92 -21.38
C3 MES G . 13.06 -18.30 -22.72
N4 MES G . 14.01 -17.24 -22.40
C5 MES G . 13.67 -16.21 -21.44
C6 MES G . 13.28 -16.97 -20.17
C7 MES G . 15.30 -17.21 -23.06
C8 MES G . 15.15 -18.00 -24.36
S MES G . 16.62 -18.20 -25.08
O1S MES G . 16.94 -17.00 -25.89
O2S MES G . 17.66 -18.40 -24.04
O3S MES G . 16.59 -19.39 -25.96
#